data_9HQN
#
_entry.id   9HQN
#
_cell.length_a   1.00
_cell.length_b   1.00
_cell.length_c   1.00
_cell.angle_alpha   90.00
_cell.angle_beta   90.00
_cell.angle_gamma   90.00
#
_symmetry.space_group_name_H-M   'P 1'
#
loop_
_entity.id
_entity.type
_entity.pdbx_description
1 polymer 'Proton-activated chloride channel'
2 non-polymer 2-acetamido-2-deoxy-beta-D-glucopyranose
3 water water
#
_entity_poly.entity_id   1
_entity_poly.type   'polypeptide(L)'
_entity_poly.pdbx_seq_one_letter_code
;MIRQELSTSYQELSEELDQVVENSEQADERDKETVKVHGPGILPALDSESASSSIRFSKACLKNVFSVLLIFIYLLLMAV
AVFLVYQTIMDFREKLKHPVMSVSYKEVDRYDAPGIALYPGQAQLLSCKHYYEVIPPLRSPGQPGDVNCTTQRVNYTDPF
SNQTLKSALIVRGPREVQKRELVFLQFRLNQSSEDFSAIDYLLFSSFQEFLQSPDRAGFMQACESAYSSWKFSGGFRTWV
KMSLVETKEEDGREAVEFRQETSVVNYIDQRPAAEKSAQLFFVVFEWKDPFIQKVQDIITANPWNTIALLCGAFLALFKA
AEFAKLSVKWMIKIRRRYLKKRGQATNHIS
;
_entity_poly.pdbx_strand_id   A,B,C
#
loop_
_chem_comp.id
_chem_comp.type
_chem_comp.name
_chem_comp.formula
NAG D-saccharide, beta linking 2-acetamido-2-deoxy-beta-D-glucopyranose 'C8 H15 N O6'
#
# COMPACT_ATOMS: atom_id res chain seq x y z
N LEU A 69 66.60 -10.16 9.31
CA LEU A 69 67.03 -9.04 10.13
C LEU A 69 65.86 -8.18 10.56
N LEU A 70 66.11 -6.89 10.76
CA LEU A 70 65.06 -5.96 11.17
C LEU A 70 64.23 -5.56 9.96
N ILE A 71 62.96 -5.94 9.97
CA ILE A 71 62.04 -5.67 8.86
C ILE A 71 60.88 -4.85 9.40
N PHE A 72 60.53 -3.78 8.69
CA PHE A 72 59.46 -2.88 9.09
C PHE A 72 58.15 -3.43 8.55
N ILE A 73 57.26 -3.85 9.45
CA ILE A 73 55.97 -4.40 9.07
C ILE A 73 54.81 -3.48 9.45
N TYR A 74 55.03 -2.52 10.34
CA TYR A 74 53.95 -1.65 10.81
C TYR A 74 53.48 -0.67 9.75
N LEU A 75 54.18 -0.57 8.62
CA LEU A 75 53.67 0.19 7.49
C LEU A 75 52.28 -0.31 7.11
N LEU A 76 52.13 -1.62 6.99
CA LEU A 76 50.81 -2.20 6.78
C LEU A 76 49.89 -1.91 7.96
N LEU A 77 50.44 -1.76 9.17
CA LEU A 77 49.60 -1.49 10.33
C LEU A 77 48.90 -0.15 10.21
N MET A 78 49.64 0.94 9.94
CA MET A 78 48.90 2.18 9.80
C MET A 78 48.24 2.32 8.44
N ALA A 79 48.62 1.50 7.45
CA ALA A 79 47.81 1.42 6.23
C ALA A 79 46.42 0.89 6.55
N VAL A 80 46.35 -0.17 7.36
CA VAL A 80 45.07 -0.71 7.80
C VAL A 80 44.35 0.31 8.67
N ALA A 81 45.09 1.07 9.47
CA ALA A 81 44.49 2.14 10.27
C ALA A 81 43.81 3.18 9.38
N VAL A 82 44.50 3.62 8.33
CA VAL A 82 43.92 4.60 7.41
C VAL A 82 42.72 4.02 6.68
N PHE A 83 42.80 2.73 6.30
CA PHE A 83 41.68 2.07 5.65
C PHE A 83 40.46 2.04 6.57
N LEU A 84 40.68 1.70 7.85
CA LEU A 84 39.57 1.62 8.80
C LEU A 84 39.02 3.00 9.12
N VAL A 85 39.85 4.03 9.04
CA VAL A 85 39.36 5.40 9.19
C VAL A 85 38.52 5.85 8.00
N TYR A 86 38.95 5.54 6.76
CA TYR A 86 38.14 5.86 5.59
C TYR A 86 36.81 5.12 5.63
N GLN A 87 36.84 3.84 5.97
CA GLN A 87 35.63 3.09 6.26
C GLN A 87 35.05 3.59 7.59
N THR A 88 33.76 3.32 7.77
CA THR A 88 32.93 3.73 8.90
C THR A 88 32.70 5.25 8.85
N ILE A 89 33.55 5.96 8.12
CA ILE A 89 33.27 7.37 7.83
C ILE A 89 32.48 7.46 6.53
N MET A 90 32.91 6.72 5.50
CA MET A 90 32.04 6.51 4.35
C MET A 90 30.71 5.91 4.79
N ASP A 91 30.75 5.00 5.77
CA ASP A 91 29.52 4.38 6.26
C ASP A 91 28.62 5.37 6.99
N PHE A 92 29.21 6.23 7.82
CA PHE A 92 28.43 7.26 8.51
C PHE A 92 27.79 8.21 7.51
N ARG A 93 28.56 8.64 6.50
CA ARG A 93 28.01 9.54 5.50
C ARG A 93 26.89 8.88 4.71
N GLU A 94 27.05 7.60 4.36
CA GLU A 94 25.98 6.88 3.67
C GLU A 94 24.75 6.73 4.54
N LYS A 95 24.94 6.41 5.82
CA LYS A 95 23.81 6.14 6.70
C LYS A 95 23.05 7.41 7.06
N LEU A 96 23.72 8.57 7.04
CA LEU A 96 23.00 9.82 7.28
C LEU A 96 22.01 10.14 6.16
N LYS A 97 22.14 9.53 4.99
CA LYS A 97 21.30 9.85 3.85
C LYS A 97 20.17 8.87 3.63
N HIS A 98 20.18 7.71 4.30
CA HIS A 98 19.17 6.66 4.09
C HIS A 98 18.59 6.22 5.43
N PRO A 99 17.70 7.01 6.01
CA PRO A 99 17.03 6.56 7.24
C PRO A 99 16.06 5.42 6.96
N VAL A 100 16.00 4.46 7.88
CA VAL A 100 15.12 3.32 7.76
C VAL A 100 13.72 3.70 8.23
N MET A 101 12.74 2.86 7.95
CA MET A 101 11.36 3.12 8.33
C MET A 101 10.87 2.05 9.31
N SER A 102 10.00 2.47 10.23
CA SER A 102 9.42 1.60 11.23
C SER A 102 7.91 1.77 11.23
N VAL A 103 7.19 0.65 11.35
CA VAL A 103 5.74 0.62 11.25
C VAL A 103 5.17 -0.01 12.51
N SER A 104 4.15 0.62 13.09
CA SER A 104 3.50 0.12 14.29
C SER A 104 1.98 0.26 14.13
N TYR A 105 1.25 -0.41 15.00
CA TYR A 105 -0.21 -0.35 15.02
C TYR A 105 -0.69 -0.10 16.44
N LYS A 106 -1.72 0.73 16.57
CA LYS A 106 -2.30 1.06 17.87
C LYS A 106 -3.78 0.72 17.88
N GLU A 107 -4.20 -0.03 18.90
CA GLU A 107 -5.60 -0.36 19.08
C GLU A 107 -6.29 0.70 19.93
N VAL A 108 -7.49 1.09 19.49
CA VAL A 108 -8.29 2.08 20.21
C VAL A 108 -9.56 1.41 20.70
N ASP A 109 -10.09 1.93 21.81
CA ASP A 109 -11.38 1.49 22.31
C ASP A 109 -12.54 2.26 21.70
N ARG A 110 -12.26 3.45 21.16
CA ARG A 110 -13.26 4.29 20.49
C ARG A 110 -12.51 5.39 19.76
N TYR A 111 -13.00 5.74 18.58
CA TYR A 111 -12.36 6.78 17.77
C TYR A 111 -12.83 8.16 18.21
N ASP A 112 -12.35 9.18 17.51
CA ASP A 112 -12.79 10.56 17.72
C ASP A 112 -13.58 10.97 16.48
N ALA A 113 -14.81 11.45 16.71
CA ALA A 113 -15.76 11.75 15.64
C ALA A 113 -15.15 12.63 14.56
N PRO A 114 -14.91 12.09 13.38
CA PRO A 114 -14.29 12.89 12.31
C PRO A 114 -15.28 13.87 11.70
N GLY A 115 -14.75 14.76 10.88
CA GLY A 115 -15.54 15.70 10.12
C GLY A 115 -15.52 15.36 8.65
N ILE A 116 -16.70 15.29 8.05
CA ILE A 116 -16.86 15.00 6.63
C ILE A 116 -17.41 16.25 5.96
N ALA A 117 -16.59 16.88 5.12
CA ALA A 117 -17.00 18.06 4.37
C ALA A 117 -17.52 17.63 3.01
N LEU A 118 -18.79 17.88 2.76
CA LEU A 118 -19.44 17.52 1.51
C LEU A 118 -19.70 18.78 0.71
N TYR A 119 -19.65 18.66 -0.63
CA TYR A 119 -19.81 19.79 -1.53
C TYR A 119 -20.93 19.47 -2.53
N PRO A 120 -22.19 19.51 -2.10
CA PRO A 120 -23.30 19.39 -3.05
C PRO A 120 -23.67 20.74 -3.63
N GLY A 121 -23.55 20.90 -4.94
CA GLY A 121 -23.85 22.17 -5.57
C GLY A 121 -25.32 22.54 -5.49
N GLN A 122 -26.15 21.78 -6.19
CA GLN A 122 -27.59 21.97 -6.15
C GLN A 122 -28.34 20.77 -5.56
N ALA A 123 -27.64 19.68 -5.28
CA ALA A 123 -28.27 18.52 -4.65
C ALA A 123 -28.67 18.85 -3.22
N GLN A 124 -29.87 18.43 -2.83
CA GLN A 124 -30.39 18.65 -1.49
C GLN A 124 -30.28 17.36 -0.68
N LEU A 125 -29.79 17.47 0.54
CA LEU A 125 -29.65 16.32 1.43
C LEU A 125 -31.05 15.82 1.82
N LEU A 126 -31.47 14.70 1.24
CA LEU A 126 -32.77 14.14 1.59
C LEU A 126 -32.75 13.55 2.99
N SER A 127 -31.71 12.79 3.33
CA SER A 127 -31.73 12.10 4.61
C SER A 127 -30.31 11.83 5.08
N CYS A 128 -30.17 11.74 6.41
CA CYS A 128 -28.92 11.37 7.05
C CYS A 128 -29.25 10.70 8.37
N LYS A 129 -28.54 9.62 8.68
CA LYS A 129 -28.84 8.90 9.92
C LYS A 129 -27.62 8.12 10.38
N HIS A 130 -27.63 7.77 11.67
CA HIS A 130 -26.61 6.95 12.30
C HIS A 130 -27.14 5.54 12.48
N TYR A 131 -26.40 4.56 11.99
CA TYR A 131 -26.83 3.17 12.03
C TYR A 131 -25.77 2.25 12.62
N TYR A 132 -26.01 0.95 12.51
CA TYR A 132 -25.10 -0.08 12.99
C TYR A 132 -25.00 -1.12 11.87
N GLU A 133 -24.46 -2.29 12.19
CA GLU A 133 -23.92 -3.25 11.23
C GLU A 133 -24.76 -3.43 9.96
N VAL A 134 -26.09 -3.24 10.05
CA VAL A 134 -26.97 -3.38 8.90
C VAL A 134 -27.82 -2.13 8.77
N ILE A 135 -28.02 -1.67 7.54
CA ILE A 135 -28.91 -0.56 7.24
C ILE A 135 -30.29 -1.10 6.91
N PRO A 136 -31.35 -0.64 7.58
CA PRO A 136 -32.70 -1.08 7.22
C PRO A 136 -33.07 -0.58 5.83
N PRO A 137 -33.95 -1.29 5.13
CA PRO A 137 -34.35 -0.84 3.79
C PRO A 137 -35.04 0.52 3.83
N LEU A 138 -34.83 1.29 2.77
CA LEU A 138 -35.39 2.64 2.69
C LEU A 138 -36.91 2.58 2.60
N ARG A 139 -37.58 3.40 3.42
CA ARG A 139 -39.03 3.51 3.32
C ARG A 139 -39.43 4.12 1.98
N SER A 140 -38.73 5.15 1.54
CA SER A 140 -38.97 5.77 0.24
C SER A 140 -37.63 6.19 -0.37
N PRO A 141 -37.24 5.60 -1.51
CA PRO A 141 -35.90 5.85 -2.04
C PRO A 141 -35.62 7.30 -2.39
N GLY A 142 -36.60 8.05 -2.89
CA GLY A 142 -36.31 9.36 -3.43
C GLY A 142 -37.19 10.50 -2.96
N GLN A 143 -37.63 10.47 -1.70
CA GLN A 143 -38.42 11.54 -1.13
C GLN A 143 -37.80 12.03 0.16
N PRO A 144 -38.05 13.28 0.54
CA PRO A 144 -37.43 13.81 1.76
C PRO A 144 -37.83 13.02 2.99
N GLY A 145 -36.87 12.82 3.88
CA GLY A 145 -37.06 12.05 5.09
C GLY A 145 -36.63 12.85 6.32
N ASP A 146 -36.03 12.14 7.26
CA ASP A 146 -35.60 12.71 8.53
C ASP A 146 -34.08 12.80 8.56
N VAL A 147 -33.56 13.98 8.91
CA VAL A 147 -32.14 14.20 9.11
C VAL A 147 -31.85 14.09 10.60
N ASN A 148 -30.99 13.15 10.97
CA ASN A 148 -30.72 12.81 12.36
C ASN A 148 -29.23 12.87 12.66
N CYS A 149 -28.57 13.94 12.23
CA CYS A 149 -27.15 14.12 12.48
C CYS A 149 -26.85 15.60 12.67
N THR A 150 -25.68 15.88 13.22
CA THR A 150 -25.23 17.25 13.46
C THR A 150 -24.49 17.76 12.23
N THR A 151 -24.99 18.84 11.64
CA THR A 151 -24.43 19.39 10.41
C THR A 151 -24.14 20.88 10.61
N GLN A 152 -23.18 21.38 9.85
CA GLN A 152 -22.80 22.78 9.93
C GLN A 152 -22.42 23.28 8.53
N ARG A 153 -23.04 24.38 8.11
CA ARG A 153 -22.75 24.94 6.79
C ARG A 153 -21.68 26.02 6.91
N VAL A 154 -20.75 26.04 5.95
CA VAL A 154 -19.65 26.99 5.96
C VAL A 154 -19.37 27.46 4.53
N ASN A 155 -18.93 28.70 4.41
CA ASN A 155 -18.50 29.27 3.14
C ASN A 155 -17.08 29.80 3.28
N TYR A 156 -16.26 29.58 2.24
CA TYR A 156 -14.89 30.07 2.25
C TYR A 156 -14.43 30.27 0.82
N THR A 157 -13.15 30.58 0.65
CA THR A 157 -12.55 30.85 -0.65
C THR A 157 -11.49 29.80 -0.94
N ASP A 158 -11.51 29.27 -2.15
CA ASP A 158 -10.60 28.21 -2.55
C ASP A 158 -9.15 28.69 -2.49
N PRO A 159 -8.28 28.04 -1.72
CA PRO A 159 -6.86 28.43 -1.74
C PRO A 159 -6.21 28.25 -3.11
N PHE A 160 -6.64 27.26 -3.89
CA PHE A 160 -6.04 27.05 -5.21
C PHE A 160 -6.30 28.23 -6.14
N SER A 161 -7.52 28.76 -6.12
CA SER A 161 -7.87 29.93 -6.91
C SER A 161 -8.78 30.82 -6.06
N ASN A 162 -8.35 32.06 -5.84
CA ASN A 162 -9.06 32.99 -4.97
C ASN A 162 -10.23 33.67 -5.64
N GLN A 163 -10.69 33.17 -6.79
CA GLN A 163 -11.83 33.74 -7.49
C GLN A 163 -13.09 32.87 -7.39
N THR A 164 -13.02 31.73 -6.72
CA THR A 164 -14.15 30.82 -6.58
C THR A 164 -14.51 30.66 -5.10
N LEU A 165 -15.79 30.76 -4.80
CA LEU A 165 -16.30 30.59 -3.45
C LEU A 165 -16.82 29.16 -3.27
N LYS A 166 -16.40 28.50 -2.20
CA LYS A 166 -16.78 27.12 -1.91
C LYS A 166 -17.70 27.09 -0.70
N SER A 167 -18.82 26.39 -0.84
CA SER A 167 -19.77 26.16 0.25
C SER A 167 -19.74 24.69 0.61
N ALA A 168 -19.48 24.40 1.87
CA ALA A 168 -19.34 23.04 2.35
C ALA A 168 -20.33 22.75 3.48
N LEU A 169 -20.73 21.49 3.57
CA LEU A 169 -21.58 21.00 4.65
C LEU A 169 -20.78 20.00 5.45
N ILE A 170 -20.58 20.28 6.73
CA ILE A 170 -19.75 19.46 7.61
C ILE A 170 -20.66 18.56 8.41
N VAL A 171 -20.39 17.26 8.37
CA VAL A 171 -21.17 16.24 9.07
C VAL A 171 -20.22 15.53 10.04
N ARG A 172 -20.69 15.35 11.28
CA ARG A 172 -19.90 14.66 12.29
C ARG A 172 -19.94 13.15 12.02
N GLY A 173 -18.75 12.55 11.89
CA GLY A 173 -18.64 11.19 11.43
C GLY A 173 -18.91 10.18 12.53
N PRO A 174 -18.80 8.91 12.17
CA PRO A 174 -19.05 7.84 13.14
C PRO A 174 -18.01 7.82 14.24
N ARG A 175 -18.43 7.35 15.41
CA ARG A 175 -17.60 7.36 16.60
C ARG A 175 -17.17 5.98 17.06
N GLU A 176 -18.13 5.07 17.26
CA GLU A 176 -17.83 3.77 17.84
C GLU A 176 -17.53 2.74 16.76
N VAL A 177 -16.33 2.16 16.81
CA VAL A 177 -15.91 1.16 15.86
C VAL A 177 -16.18 -0.27 16.37
N GLN A 178 -16.22 -0.48 17.68
CA GLN A 178 -16.46 -1.81 18.21
C GLN A 178 -17.86 -2.31 17.88
N LYS A 179 -18.82 -1.40 17.75
CA LYS A 179 -20.19 -1.75 17.43
C LYS A 179 -20.51 -1.58 15.94
N ARG A 180 -19.52 -1.23 15.12
CA ARG A 180 -19.68 -1.07 13.68
C ARG A 180 -20.76 -0.02 13.37
N GLU A 181 -20.50 1.20 13.84
CA GLU A 181 -21.41 2.31 13.61
C GLU A 181 -21.24 2.85 12.19
N LEU A 182 -22.36 3.29 11.60
CA LEU A 182 -22.38 3.78 10.24
C LEU A 182 -23.02 5.16 10.20
N VAL A 183 -22.61 5.96 9.21
CA VAL A 183 -23.30 7.19 8.86
C VAL A 183 -23.82 7.03 7.43
N PHE A 184 -25.14 7.15 7.26
CA PHE A 184 -25.78 6.95 5.97
C PHE A 184 -26.34 8.28 5.48
N LEU A 185 -25.97 8.65 4.25
CA LEU A 185 -26.34 9.93 3.66
C LEU A 185 -27.01 9.69 2.31
N GLN A 186 -28.06 10.46 2.03
CA GLN A 186 -28.82 10.37 0.79
C GLN A 186 -29.17 11.76 0.31
N PHE A 187 -28.66 12.12 -0.87
CA PHE A 187 -28.91 13.38 -1.55
C PHE A 187 -29.71 13.16 -2.83
N ARG A 188 -30.32 14.24 -3.31
CA ARG A 188 -31.06 14.21 -4.57
C ARG A 188 -30.78 15.46 -5.38
N LEU A 189 -30.43 15.28 -6.65
CA LEU A 189 -30.24 16.38 -7.59
C LEU A 189 -31.39 16.37 -8.59
N ASN A 190 -32.11 17.48 -8.67
CA ASN A 190 -33.33 17.53 -9.48
C ASN A 190 -33.00 17.44 -10.96
N GLN A 191 -32.28 18.44 -11.49
CA GLN A 191 -31.93 18.45 -12.90
C GLN A 191 -30.69 19.28 -13.09
N SER A 192 -29.88 18.88 -14.07
CA SER A 192 -28.66 19.60 -14.41
C SER A 192 -28.27 19.27 -15.83
N SER A 193 -27.48 20.16 -16.44
CA SER A 193 -27.04 20.00 -17.81
C SER A 193 -25.80 19.11 -17.96
N GLU A 194 -25.10 18.84 -16.86
CA GLU A 194 -23.90 18.01 -16.94
C GLU A 194 -24.27 16.55 -17.16
N ASP A 195 -23.33 15.80 -17.72
CA ASP A 195 -23.54 14.39 -18.05
C ASP A 195 -22.71 13.46 -17.18
N PHE A 196 -21.99 13.99 -16.20
CA PHE A 196 -21.23 13.18 -15.24
C PHE A 196 -21.41 13.84 -13.87
N SER A 197 -22.38 13.36 -13.10
CA SER A 197 -22.74 13.95 -11.83
C SER A 197 -22.05 13.20 -10.69
N ALA A 198 -21.38 13.95 -9.81
CA ALA A 198 -20.74 13.39 -8.64
C ALA A 198 -20.66 14.46 -7.57
N ILE A 199 -20.47 14.04 -6.32
CA ILE A 199 -20.38 14.94 -5.18
C ILE A 199 -19.02 14.76 -4.52
N ASP A 200 -18.36 15.88 -4.24
CA ASP A 200 -17.05 15.91 -3.62
C ASP A 200 -17.17 15.79 -2.09
N TYR A 201 -16.18 15.12 -1.51
CA TYR A 201 -16.10 15.02 -0.05
C TYR A 201 -14.66 15.01 0.40
N LEU A 202 -14.43 15.47 1.62
CA LEU A 202 -13.13 15.53 2.25
C LEU A 202 -13.28 15.11 3.72
N LEU A 203 -12.22 14.54 4.27
CA LEU A 203 -12.24 14.02 5.63
C LEU A 203 -11.16 14.69 6.47
N PHE A 204 -11.54 15.17 7.66
CA PHE A 204 -10.58 15.68 8.61
C PHE A 204 -10.83 15.05 9.98
N SER A 205 -9.80 15.11 10.83
CA SER A 205 -9.73 14.24 12.00
C SER A 205 -10.78 14.60 13.05
N SER A 206 -10.92 15.87 13.38
CA SER A 206 -11.70 16.29 14.54
C SER A 206 -12.81 17.26 14.11
N PHE A 207 -14.05 16.88 14.40
CA PHE A 207 -15.19 17.78 14.21
C PHE A 207 -15.30 18.81 15.33
N GLN A 208 -14.92 18.43 16.55
CA GLN A 208 -14.92 19.38 17.65
C GLN A 208 -13.91 20.49 17.42
N GLU A 209 -12.74 20.16 16.87
CA GLU A 209 -11.76 21.18 16.52
C GLU A 209 -12.35 22.17 15.53
N PHE A 210 -13.14 21.68 14.57
CA PHE A 210 -13.83 22.58 13.65
C PHE A 210 -14.83 23.46 14.38
N LEU A 211 -15.60 22.88 15.31
CA LEU A 211 -16.61 23.65 16.02
C LEU A 211 -16.01 24.80 16.80
N GLN A 212 -15.01 24.50 17.64
CA GLN A 212 -14.38 25.53 18.47
C GLN A 212 -13.17 26.08 17.73
N SER A 213 -13.43 27.08 16.87
CA SER A 213 -12.41 27.69 16.05
C SER A 213 -12.81 29.14 15.74
N PRO A 214 -11.95 30.11 16.05
CA PRO A 214 -12.31 31.52 15.77
C PRO A 214 -12.53 31.80 14.29
N ASP A 215 -11.84 31.10 13.40
CA ASP A 215 -11.98 31.30 11.95
C ASP A 215 -12.26 29.94 11.31
N ARG A 216 -13.54 29.63 11.11
CA ARG A 216 -13.90 28.38 10.46
C ARG A 216 -13.47 28.37 8.99
N ALA A 217 -13.59 29.53 8.32
CA ALA A 217 -13.16 29.61 6.93
C ALA A 217 -11.66 29.36 6.80
N GLY A 218 -10.86 29.90 7.70
CA GLY A 218 -9.44 29.61 7.69
C GLY A 218 -9.14 28.15 7.97
N PHE A 219 -9.90 27.54 8.89
CA PHE A 219 -9.75 26.11 9.14
C PHE A 219 -10.01 25.30 7.88
N MET A 220 -11.08 25.61 7.16
CA MET A 220 -11.39 24.88 5.93
C MET A 220 -10.34 25.13 4.85
N GLN A 221 -9.84 26.37 4.75
CA GLN A 221 -8.80 26.66 3.77
C GLN A 221 -7.53 25.86 4.06
N ALA A 222 -7.16 25.77 5.34
CA ALA A 222 -6.00 24.96 5.72
C ALA A 222 -6.24 23.48 5.44
N CYS A 223 -7.44 22.98 5.75
CA CYS A 223 -7.74 21.57 5.52
C CYS A 223 -7.79 21.23 4.04
N GLU A 224 -8.12 22.20 3.19
CA GLU A 224 -8.15 21.95 1.75
C GLU A 224 -6.77 21.56 1.24
N SER A 225 -5.73 22.26 1.70
CA SER A 225 -4.37 21.93 1.27
C SER A 225 -3.78 20.77 2.08
N ALA A 226 -4.13 20.66 3.36
CA ALA A 226 -3.57 19.61 4.21
C ALA A 226 -4.18 18.23 3.95
N TYR A 227 -5.30 18.16 3.24
CA TYR A 227 -6.00 16.90 3.01
C TYR A 227 -6.36 16.77 1.53
N SER A 228 -6.76 15.56 1.14
CA SER A 228 -7.17 15.25 -0.22
C SER A 228 -8.63 14.88 -0.25
N SER A 229 -9.31 15.23 -1.34
CA SER A 229 -10.74 15.01 -1.49
C SER A 229 -11.02 13.94 -2.53
N TRP A 230 -12.17 13.29 -2.39
CA TRP A 230 -12.62 12.25 -3.31
C TRP A 230 -14.03 12.57 -3.77
N LYS A 231 -14.59 11.67 -4.58
CA LYS A 231 -15.91 11.86 -5.17
C LYS A 231 -16.74 10.60 -4.98
N PHE A 232 -18.06 10.79 -4.93
CA PHE A 232 -18.99 9.67 -5.03
C PHE A 232 -20.09 10.03 -6.02
N SER A 233 -20.42 9.09 -6.90
CA SER A 233 -21.28 9.35 -8.04
C SER A 233 -22.73 8.98 -7.75
N GLY A 234 -23.62 9.49 -8.61
CA GLY A 234 -25.04 9.17 -8.51
C GLY A 234 -25.38 7.86 -9.18
N GLY A 235 -26.55 7.34 -8.83
CA GLY A 235 -26.97 6.04 -9.32
C GLY A 235 -26.28 4.87 -8.66
N PHE A 236 -25.48 5.11 -7.63
CA PHE A 236 -24.75 4.08 -6.92
C PHE A 236 -25.01 4.24 -5.43
N ARG A 237 -24.58 3.24 -4.67
CA ARG A 237 -24.34 3.38 -3.24
C ARG A 237 -22.84 3.15 -3.02
N THR A 238 -22.18 4.12 -2.41
CA THR A 238 -20.75 4.02 -2.14
C THR A 238 -20.53 3.74 -0.67
N TRP A 239 -19.80 2.67 -0.39
CA TRP A 239 -19.42 2.31 0.97
C TRP A 239 -17.94 2.61 1.14
N VAL A 240 -17.61 3.44 2.13
CA VAL A 240 -16.26 3.93 2.34
C VAL A 240 -15.76 3.40 3.68
N LYS A 241 -14.68 2.63 3.64
CA LYS A 241 -13.98 2.19 4.84
C LYS A 241 -12.74 3.06 5.01
N MET A 242 -12.67 3.75 6.15
CA MET A 242 -11.65 4.76 6.39
C MET A 242 -10.80 4.40 7.60
N SER A 243 -9.53 4.78 7.53
CA SER A 243 -8.55 4.44 8.56
C SER A 243 -7.58 5.60 8.73
N LEU A 244 -6.90 5.62 9.86
CA LEU A 244 -6.03 6.73 10.25
C LEU A 244 -4.56 6.30 10.19
N VAL A 245 -3.74 7.10 9.53
CA VAL A 245 -2.31 6.88 9.42
C VAL A 245 -1.59 8.08 10.03
N GLU A 246 -0.75 7.83 11.01
CA GLU A 246 0.07 8.84 11.66
C GLU A 246 1.52 8.69 11.22
N THR A 247 2.21 9.80 11.05
CA THR A 247 3.59 9.81 10.59
C THR A 247 4.40 10.77 11.46
N LYS A 248 5.55 10.30 11.93
CA LYS A 248 6.50 11.13 12.66
C LYS A 248 7.67 11.48 11.75
N GLU A 249 7.94 12.77 11.62
CA GLU A 249 9.01 13.28 10.78
C GLU A 249 10.12 13.89 11.65
N GLU A 250 11.07 14.54 11.00
CA GLU A 250 12.28 15.01 11.70
C GLU A 250 11.93 16.01 12.80
N ASP A 251 11.38 17.16 12.43
CA ASP A 251 11.16 18.23 13.42
C ASP A 251 9.85 18.07 14.19
N GLY A 252 9.07 17.03 13.92
CA GLY A 252 7.92 16.72 14.74
C GLY A 252 6.61 17.34 14.29
N ARG A 253 6.23 17.10 13.02
CA ARG A 253 4.93 17.54 12.56
C ARG A 253 3.80 16.59 12.92
N GLU A 254 4.13 15.35 13.30
CA GLU A 254 3.16 14.30 13.67
C GLU A 254 1.92 14.35 12.78
N ALA A 255 2.15 14.19 11.48
CA ALA A 255 1.09 14.38 10.51
C ALA A 255 0.12 13.21 10.53
N VAL A 256 -1.18 13.52 10.63
CA VAL A 256 -2.23 12.50 10.62
C VAL A 256 -3.03 12.65 9.33
N GLU A 257 -3.27 11.52 8.66
CA GLU A 257 -3.97 11.53 7.39
C GLU A 257 -4.93 10.35 7.33
N PHE A 258 -5.82 10.40 6.33
CA PHE A 258 -6.87 9.41 6.15
C PHE A 258 -6.55 8.53 4.94
N ARG A 259 -6.74 7.22 5.12
CA ARG A 259 -6.76 6.28 4.01
C ARG A 259 -8.17 5.73 3.87
N GLN A 260 -8.56 5.41 2.64
CA GLN A 260 -9.95 5.05 2.38
C GLN A 260 -10.03 4.05 1.24
N GLU A 261 -11.01 3.16 1.34
CA GLU A 261 -11.34 2.21 0.29
C GLU A 261 -12.83 2.27 0.03
N THR A 262 -13.21 2.08 -1.23
CA THR A 262 -14.61 2.26 -1.64
C THR A 262 -15.14 0.97 -2.26
N SER A 263 -16.46 0.82 -2.16
CA SER A 263 -17.18 -0.27 -2.81
C SER A 263 -18.49 0.32 -3.35
N VAL A 264 -18.71 0.18 -4.65
CA VAL A 264 -19.88 0.74 -5.30
C VAL A 264 -20.88 -0.38 -5.59
N VAL A 265 -22.14 -0.13 -5.30
CA VAL A 265 -23.22 -1.09 -5.54
C VAL A 265 -24.29 -0.41 -6.38
N ASN A 266 -24.74 -1.09 -7.43
CA ASN A 266 -25.77 -0.54 -8.30
C ASN A 266 -27.05 -0.27 -7.52
N TYR A 267 -27.70 0.85 -7.84
CA TYR A 267 -28.98 1.20 -7.25
C TYR A 267 -30.10 0.74 -8.18
N ILE A 268 -30.99 -0.10 -7.67
CA ILE A 268 -32.10 -0.63 -8.46
C ILE A 268 -33.23 0.39 -8.39
N ASP A 269 -33.39 1.17 -9.47
CA ASP A 269 -34.37 2.25 -9.50
C ASP A 269 -35.76 1.68 -9.69
N GLN A 270 -36.57 1.72 -8.62
CA GLN A 270 -37.96 1.28 -8.67
C GLN A 270 -38.92 2.45 -8.58
N ARG A 271 -38.42 3.68 -8.71
CA ARG A 271 -39.26 4.86 -8.65
C ARG A 271 -40.15 4.94 -9.90
N PRO A 272 -41.27 5.65 -9.81
CA PRO A 272 -42.11 5.85 -11.00
C PRO A 272 -41.35 6.59 -12.09
N ALA A 273 -41.73 6.31 -13.35
CA ALA A 273 -41.02 6.86 -14.49
C ALA A 273 -41.05 8.39 -14.53
N ALA A 274 -42.04 9.02 -13.88
CA ALA A 274 -42.11 10.46 -13.86
C ALA A 274 -41.00 11.08 -13.03
N GLU A 275 -40.46 10.36 -12.05
CA GLU A 275 -39.42 10.87 -11.16
C GLU A 275 -38.04 10.33 -11.52
N LYS A 276 -37.87 9.73 -12.69
CA LYS A 276 -36.58 9.15 -13.06
C LYS A 276 -35.56 10.18 -13.50
N SER A 277 -35.98 11.43 -13.73
CA SER A 277 -35.06 12.46 -14.18
C SER A 277 -34.14 12.96 -13.08
N ALA A 278 -34.49 12.74 -11.81
CA ALA A 278 -33.67 13.17 -10.69
C ALA A 278 -32.66 12.09 -10.34
N GLN A 279 -31.47 12.53 -9.95
CA GLN A 279 -30.38 11.63 -9.59
C GLN A 279 -30.29 11.48 -8.08
N LEU A 280 -30.11 10.25 -7.61
CA LEU A 280 -30.03 9.96 -6.20
C LEU A 280 -28.60 9.54 -5.84
N PHE A 281 -28.08 10.11 -4.75
CA PHE A 281 -26.75 9.81 -4.27
C PHE A 281 -26.87 9.17 -2.89
N PHE A 282 -26.28 7.98 -2.73
CA PHE A 282 -26.24 7.29 -1.45
C PHE A 282 -24.79 7.04 -1.08
N VAL A 283 -24.45 7.27 0.18
CA VAL A 283 -23.09 7.07 0.65
C VAL A 283 -23.11 6.62 2.11
N VAL A 284 -22.16 5.74 2.46
CA VAL A 284 -22.01 5.21 3.81
C VAL A 284 -20.60 5.45 4.27
N PHE A 285 -20.45 5.92 5.52
CA PHE A 285 -19.16 6.16 6.13
C PHE A 285 -19.02 5.29 7.37
N GLU A 286 -17.89 4.61 7.49
CA GLU A 286 -17.63 3.67 8.57
C GLU A 286 -16.13 3.51 8.75
N TRP A 287 -15.72 3.22 9.98
CA TRP A 287 -14.33 2.88 10.27
C TRP A 287 -14.05 1.44 9.89
N LYS A 288 -12.90 1.22 9.25
CA LYS A 288 -12.55 -0.14 8.81
C LYS A 288 -12.20 -1.03 10.00
N ASP A 289 -11.36 -0.54 10.91
CA ASP A 289 -10.89 -1.32 12.03
C ASP A 289 -10.39 -0.36 13.11
N PRO A 290 -10.28 -0.81 14.38
CA PRO A 290 -9.73 0.02 15.45
C PRO A 290 -8.20 -0.02 15.51
N PHE A 291 -7.55 0.16 14.36
CA PHE A 291 -6.10 0.12 14.26
C PHE A 291 -5.61 1.37 13.57
N ILE A 292 -4.96 2.25 14.33
CA ILE A 292 -4.28 3.42 13.77
C ILE A 292 -2.87 2.99 13.40
N GLN A 293 -2.45 3.30 12.18
CA GLN A 293 -1.20 2.80 11.63
C GLN A 293 -0.15 3.91 11.68
N LYS A 294 0.96 3.66 12.35
CA LYS A 294 1.98 4.67 12.61
C LYS A 294 3.25 4.36 11.86
N VAL A 295 3.86 5.39 11.27
CA VAL A 295 5.10 5.30 10.52
C VAL A 295 6.10 6.27 11.14
N GLN A 296 7.33 5.80 11.33
CA GLN A 296 8.41 6.63 11.87
C GLN A 296 9.66 6.40 11.05
N ASP A 297 10.54 7.40 11.05
CA ASP A 297 11.82 7.34 10.36
C ASP A 297 12.93 7.27 11.40
N ILE A 298 13.75 6.24 11.33
CA ILE A 298 14.82 5.99 12.28
C ILE A 298 16.16 6.20 11.60
N ILE A 299 17.01 7.04 12.20
CA ILE A 299 18.36 7.27 11.71
C ILE A 299 19.29 6.31 12.45
N THR A 300 20.00 5.48 11.68
CA THR A 300 20.85 4.43 12.25
C THR A 300 22.29 4.88 12.44
N ALA A 301 22.60 6.14 12.18
CA ALA A 301 23.95 6.68 12.30
C ALA A 301 24.06 7.38 13.65
N ASN A 302 24.76 6.74 14.59
CA ASN A 302 24.99 7.31 15.91
C ASN A 302 26.44 7.74 16.02
N PRO A 303 26.73 9.05 16.06
CA PRO A 303 28.14 9.49 16.13
C PRO A 303 28.88 8.97 17.35
N TRP A 304 28.21 8.84 18.49
CA TRP A 304 28.88 8.37 19.70
C TRP A 304 29.29 6.91 19.56
N ASN A 305 28.45 6.09 18.95
CA ASN A 305 28.83 4.70 18.70
C ASN A 305 29.98 4.63 17.71
N THR A 306 29.98 5.51 16.70
CA THR A 306 31.05 5.52 15.71
C THR A 306 32.39 5.88 16.36
N ILE A 307 32.38 6.86 17.26
CA ILE A 307 33.62 7.26 17.94
C ILE A 307 34.16 6.12 18.79
N ALA A 308 33.28 5.45 19.53
CA ALA A 308 33.70 4.33 20.37
C ALA A 308 34.22 3.18 19.53
N LEU A 309 33.58 2.92 18.39
CA LEU A 309 34.03 1.85 17.51
C LEU A 309 35.42 2.15 16.95
N LEU A 310 35.66 3.40 16.57
CA LEU A 310 36.99 3.78 16.08
C LEU A 310 38.03 3.70 17.19
N CYS A 311 37.65 4.03 18.42
CA CYS A 311 38.59 3.97 19.53
C CYS A 311 39.07 2.54 19.76
N GLY A 312 38.15 1.57 19.72
CA GLY A 312 38.54 0.19 19.92
C GLY A 312 39.46 -0.35 18.83
N ALA A 313 39.21 0.07 17.58
CA ALA A 313 40.05 -0.39 16.48
C ALA A 313 41.48 0.10 16.60
N PHE A 314 41.65 1.36 17.05
CA PHE A 314 43.00 1.92 17.18
C PHE A 314 43.82 1.16 18.21
N LEU A 315 43.20 0.77 19.32
CA LEU A 315 43.94 0.06 20.37
C LEU A 315 44.42 -1.29 19.89
N ALA A 316 43.66 -1.96 19.02
CA ALA A 316 44.06 -3.27 18.53
C ALA A 316 45.37 -3.21 17.78
N LEU A 317 45.54 -2.19 16.93
CA LEU A 317 46.78 -2.05 16.17
C LEU A 317 47.95 -1.71 17.08
N PHE A 318 47.69 -0.93 18.14
CA PHE A 318 48.76 -0.57 19.07
C PHE A 318 49.25 -1.78 19.86
N LYS A 319 48.33 -2.56 20.42
CA LYS A 319 48.72 -3.71 21.22
C LYS A 319 49.28 -4.83 20.34
N ALA A 320 48.75 -4.99 19.14
CA ALA A 320 49.32 -5.97 18.21
C ALA A 320 50.74 -5.60 17.82
N ALA A 321 51.00 -4.31 17.63
CA ALA A 321 52.36 -3.86 17.33
C ALA A 321 53.30 -4.17 18.48
N GLU A 322 52.84 -3.97 19.73
CA GLU A 322 53.66 -4.31 20.88
C GLU A 322 53.93 -5.82 20.92
N PHE A 323 52.92 -6.63 20.62
CA PHE A 323 53.15 -8.07 20.51
C PHE A 323 54.07 -8.39 19.35
N ALA A 324 53.96 -7.66 18.25
CA ALA A 324 54.87 -7.84 17.13
C ALA A 324 56.30 -7.46 17.50
N LYS A 325 56.47 -6.45 18.35
CA LYS A 325 57.81 -6.11 18.82
C LYS A 325 58.41 -7.26 19.63
N LEU A 326 57.60 -7.92 20.44
CA LEU A 326 58.10 -9.07 21.19
C LEU A 326 58.42 -10.24 20.25
N SER A 327 57.62 -10.42 19.20
CA SER A 327 57.85 -11.53 18.28
C SER A 327 59.19 -11.38 17.56
N VAL A 328 59.51 -10.17 17.10
CA VAL A 328 60.79 -9.96 16.41
C VAL A 328 61.95 -9.89 17.39
N LYS A 329 61.67 -9.76 18.68
CA LYS A 329 62.72 -9.70 19.69
C LYS A 329 63.26 -11.09 20.01
N LEU B 69 44.29 -20.41 47.28
CA LEU B 69 45.54 -20.61 46.56
C LEU B 69 45.41 -20.15 45.11
N LEU B 70 46.17 -20.79 44.22
CA LEU B 70 46.14 -20.45 42.80
C LEU B 70 44.93 -21.11 42.15
N ILE B 71 44.01 -20.29 41.64
CA ILE B 71 42.77 -20.75 41.05
C ILE B 71 42.72 -20.27 39.61
N PHE B 72 42.37 -21.17 38.69
CA PHE B 72 42.29 -20.86 37.27
C PHE B 72 40.92 -20.28 36.95
N ILE B 73 40.89 -19.02 36.55
CA ILE B 73 39.63 -18.34 36.24
C ILE B 73 39.53 -17.95 34.76
N TYR B 74 40.65 -17.86 34.04
CA TYR B 74 40.66 -17.41 32.65
C TYR B 74 39.99 -18.41 31.71
N LEU B 75 39.72 -19.63 32.18
CA LEU B 75 38.92 -20.57 31.39
C LEU B 75 37.59 -19.93 30.99
N LEU B 76 36.91 -19.33 31.96
CA LEU B 76 35.70 -18.56 31.64
C LEU B 76 36.02 -17.39 30.72
N LEU B 77 37.23 -16.83 30.80
CA LEU B 77 37.57 -15.70 29.96
C LEU B 77 37.55 -16.08 28.49
N MET B 78 38.29 -17.13 28.10
CA MET B 78 38.23 -17.45 26.68
C MET B 78 36.96 -18.21 26.31
N ALA B 79 36.25 -18.79 27.28
CA ALA B 79 34.91 -19.29 26.99
C ALA B 79 33.99 -18.16 26.56
N VAL B 80 34.02 -17.05 27.29
CA VAL B 80 33.23 -15.87 26.92
C VAL B 80 33.71 -15.30 25.59
N ALA B 81 35.03 -15.36 25.36
CA ALA B 81 35.56 -14.89 24.08
C ALA B 81 34.98 -15.68 22.92
N VAL B 82 35.05 -17.01 22.98
CA VAL B 82 34.52 -17.86 21.92
C VAL B 82 33.01 -17.67 21.79
N PHE B 83 32.33 -17.51 22.92
CA PHE B 83 30.88 -17.28 22.90
C PHE B 83 30.53 -16.00 22.15
N LEU B 84 31.29 -14.93 22.42
CA LEU B 84 31.08 -13.66 21.74
C LEU B 84 31.36 -13.77 20.25
N VAL B 85 32.45 -14.47 19.87
CA VAL B 85 32.73 -14.64 18.45
C VAL B 85 31.63 -15.43 17.76
N TYR B 86 31.13 -16.48 18.42
CA TYR B 86 30.05 -17.27 17.84
C TYR B 86 28.80 -16.43 17.62
N GLN B 87 28.41 -15.64 18.62
CA GLN B 87 27.24 -14.80 18.44
C GLN B 87 27.46 -13.72 17.39
N THR B 88 28.68 -13.18 17.30
CA THR B 88 28.95 -12.17 16.27
C THR B 88 28.84 -12.78 14.88
N ILE B 89 29.36 -13.99 14.69
CA ILE B 89 29.25 -14.64 13.38
C ILE B 89 27.78 -14.91 13.06
N MET B 90 27.03 -15.43 14.03
CA MET B 90 25.61 -15.70 13.79
C MET B 90 24.84 -14.43 13.46
N ASP B 91 25.13 -13.34 14.18
CA ASP B 91 24.44 -12.08 13.92
C ASP B 91 24.78 -11.54 12.54
N PHE B 92 26.06 -11.62 12.14
CA PHE B 92 26.44 -11.15 10.81
C PHE B 92 25.75 -11.97 9.73
N ARG B 93 25.71 -13.30 9.89
CA ARG B 93 25.03 -14.14 8.92
C ARG B 93 23.53 -13.81 8.85
N GLU B 94 22.91 -13.57 10.00
CA GLU B 94 21.49 -13.22 10.01
C GLU B 94 21.23 -11.88 9.33
N LYS B 95 22.06 -10.88 9.61
CA LYS B 95 21.88 -9.57 9.00
C LYS B 95 22.15 -9.60 7.50
N LEU B 96 23.01 -10.52 7.05
CA LEU B 96 23.26 -10.63 5.61
C LEU B 96 22.03 -11.11 4.84
N LYS B 97 21.04 -11.69 5.51
CA LYS B 97 19.89 -12.29 4.85
C LYS B 97 18.64 -11.42 4.90
N HIS B 98 18.62 -10.37 5.72
CA HIS B 98 17.42 -9.54 5.92
C HIS B 98 17.77 -8.07 5.74
N PRO B 99 17.89 -7.62 4.50
CA PRO B 99 18.12 -6.19 4.27
C PRO B 99 16.88 -5.36 4.61
N VAL B 100 17.11 -4.20 5.21
CA VAL B 100 16.03 -3.29 5.58
C VAL B 100 15.63 -2.45 4.37
N MET B 101 14.50 -1.75 4.46
CA MET B 101 14.00 -0.92 3.38
C MET B 101 13.99 0.54 3.78
N SER B 102 14.22 1.41 2.80
CA SER B 102 14.21 2.86 3.00
C SER B 102 13.35 3.50 1.92
N VAL B 103 12.52 4.46 2.32
CA VAL B 103 11.56 5.12 1.45
C VAL B 103 11.80 6.62 1.49
N SER B 104 11.87 7.23 0.30
CA SER B 104 12.06 8.67 0.15
C SER B 104 11.06 9.20 -0.87
N TYR B 105 10.91 10.53 -0.88
CA TYR B 105 10.03 11.20 -1.83
C TYR B 105 10.79 12.33 -2.52
N LYS B 106 10.55 12.50 -3.81
CA LYS B 106 11.22 13.54 -4.59
C LYS B 106 10.16 14.42 -5.26
N GLU B 107 10.25 15.73 -5.01
CA GLU B 107 9.36 16.68 -5.65
C GLU B 107 9.90 17.08 -7.01
N VAL B 108 9.02 17.15 -8.00
CA VAL B 108 9.39 17.55 -9.35
C VAL B 108 8.71 18.86 -9.68
N ASP B 109 9.32 19.61 -10.60
CA ASP B 109 8.71 20.84 -11.11
C ASP B 109 7.86 20.58 -12.34
N ARG B 110 8.14 19.52 -13.08
CA ARG B 110 7.36 19.13 -14.25
C ARG B 110 7.68 17.68 -14.57
N TYR B 111 6.70 16.97 -15.11
CA TYR B 111 6.88 15.57 -15.46
C TYR B 111 7.29 15.45 -16.93
N ASP B 112 7.86 14.29 -17.27
CA ASP B 112 8.18 13.94 -18.64
C ASP B 112 6.99 13.20 -19.23
N ALA B 113 6.48 13.68 -20.37
CA ALA B 113 5.25 13.20 -20.99
C ALA B 113 5.27 11.68 -21.12
N PRO B 114 4.43 10.98 -20.35
CA PRO B 114 4.41 9.51 -20.45
C PRO B 114 3.72 9.06 -21.72
N GLY B 115 3.80 7.75 -21.96
CA GLY B 115 3.15 7.12 -23.09
C GLY B 115 2.01 6.24 -22.61
N ILE B 116 0.84 6.43 -23.22
CA ILE B 116 -0.35 5.65 -22.92
C ILE B 116 -0.68 4.83 -24.15
N ALA B 117 -0.55 3.50 -24.02
CA ALA B 117 -0.83 2.58 -25.11
C ALA B 117 -2.24 2.03 -24.93
N LEU B 118 -3.14 2.38 -25.85
CA LEU B 118 -4.53 1.97 -25.81
C LEU B 118 -4.75 0.87 -26.86
N TYR B 119 -5.66 -0.05 -26.55
CA TYR B 119 -5.95 -1.20 -27.41
C TYR B 119 -7.44 -1.23 -27.74
N PRO B 120 -7.91 -0.33 -28.61
CA PRO B 120 -9.29 -0.43 -29.09
C PRO B 120 -9.40 -1.36 -30.28
N GLY B 121 -10.20 -2.41 -30.16
CA GLY B 121 -10.33 -3.35 -31.26
C GLY B 121 -11.07 -2.76 -32.44
N GLN B 122 -12.36 -2.48 -32.26
CA GLN B 122 -13.17 -1.84 -33.29
C GLN B 122 -13.67 -0.46 -32.88
N ALA B 123 -13.44 -0.05 -31.64
CA ALA B 123 -13.85 1.27 -31.19
C ALA B 123 -13.00 2.34 -31.87
N GLN B 124 -13.65 3.41 -32.31
CA GLN B 124 -12.98 4.52 -32.96
C GLN B 124 -12.85 5.69 -32.00
N LEU B 125 -11.66 6.29 -31.95
CA LEU B 125 -11.41 7.43 -31.08
C LEU B 125 -12.20 8.63 -31.58
N LEU B 126 -13.29 8.97 -30.88
CA LEU B 126 -14.06 10.14 -31.28
C LEU B 126 -13.32 11.43 -30.98
N SER B 127 -12.73 11.54 -29.79
CA SER B 127 -12.12 12.81 -29.43
C SER B 127 -11.01 12.60 -28.41
N CYS B 128 -10.07 13.54 -28.41
CA CYS B 128 -8.99 13.57 -27.43
C CYS B 128 -8.53 15.01 -27.30
N LYS B 129 -8.31 15.44 -26.06
CA LYS B 129 -7.91 16.83 -25.86
C LYS B 129 -7.16 16.98 -24.54
N HIS B 130 -6.38 18.06 -24.45
CA HIS B 130 -5.65 18.41 -23.25
C HIS B 130 -6.39 19.51 -22.51
N TYR B 131 -6.69 19.27 -21.24
CA TYR B 131 -7.43 20.20 -20.41
C TYR B 131 -6.69 20.50 -19.10
N TYR B 132 -7.39 21.16 -18.19
CA TYR B 132 -6.85 21.53 -16.89
C TYR B 132 -7.91 21.16 -15.86
N GLU B 133 -7.79 21.73 -14.65
CA GLU B 133 -8.52 21.31 -13.46
C GLU B 133 -9.99 20.98 -13.70
N VAL B 134 -10.63 21.62 -14.68
CA VAL B 134 -12.03 21.37 -14.98
C VAL B 134 -12.17 21.03 -16.46
N ILE B 135 -13.00 20.04 -16.77
CA ILE B 135 -13.33 19.65 -18.14
C ILE B 135 -14.63 20.33 -18.52
N PRO B 136 -14.68 21.09 -19.62
CA PRO B 136 -15.94 21.71 -20.05
C PRO B 136 -16.93 20.64 -20.49
N PRO B 137 -18.23 20.92 -20.40
CA PRO B 137 -19.23 19.93 -20.82
C PRO B 137 -19.11 19.60 -22.30
N LEU B 138 -19.42 18.35 -22.64
CA LEU B 138 -19.29 17.88 -24.01
C LEU B 138 -20.32 18.57 -24.90
N ARG B 139 -19.86 19.09 -26.04
CA ARG B 139 -20.79 19.67 -27.01
C ARG B 139 -21.72 18.61 -27.58
N SER B 140 -21.18 17.43 -27.90
CA SER B 140 -21.98 16.31 -28.39
C SER B 140 -21.41 15.01 -27.82
N PRO B 141 -22.17 14.31 -26.98
CA PRO B 141 -21.60 13.15 -26.28
C PRO B 141 -21.13 12.03 -27.19
N GLY B 142 -21.82 11.78 -28.31
CA GLY B 142 -21.52 10.60 -29.08
C GLY B 142 -21.34 10.79 -30.58
N GLN B 143 -20.76 11.92 -30.97
CA GLN B 143 -20.48 12.20 -32.37
C GLN B 143 -19.02 12.58 -32.54
N PRO B 144 -18.44 12.35 -33.72
CA PRO B 144 -17.03 12.67 -33.93
C PRO B 144 -16.74 14.16 -33.69
N GLY B 145 -15.60 14.43 -33.06
CA GLY B 145 -15.20 15.78 -32.73
C GLY B 145 -13.80 16.06 -33.25
N ASP B 146 -13.03 16.77 -32.43
CA ASP B 146 -11.68 17.19 -32.77
C ASP B 146 -10.67 16.41 -31.93
N VAL B 147 -9.65 15.87 -32.59
CA VAL B 147 -8.54 15.21 -31.93
C VAL B 147 -7.38 16.19 -31.86
N ASN B 148 -6.97 16.53 -30.65
CA ASN B 148 -5.97 17.57 -30.41
C ASN B 148 -4.81 17.02 -29.57
N CYS B 149 -4.30 15.87 -29.96
CA CYS B 149 -3.16 15.26 -29.28
C CYS B 149 -2.30 14.52 -30.29
N THR B 150 -1.08 14.21 -29.88
CA THR B 150 -0.13 13.48 -30.73
C THR B 150 -0.29 11.99 -30.48
N THR B 151 -0.62 11.25 -31.54
CA THR B 151 -0.88 9.82 -31.44
C THR B 151 -0.02 9.08 -32.46
N GLN B 152 0.28 7.82 -32.14
CA GLN B 152 1.10 6.98 -33.02
C GLN B 152 0.59 5.56 -32.99
N ARG B 153 0.32 4.99 -34.17
CA ARG B 153 -0.17 3.62 -34.27
C ARG B 153 1.00 2.67 -34.47
N VAL B 154 0.95 1.52 -33.78
CA VAL B 154 2.03 0.54 -33.82
C VAL B 154 1.42 -0.86 -33.90
N ASN B 155 2.09 -1.76 -34.61
CA ASN B 155 1.71 -3.16 -34.70
C ASN B 155 2.87 -4.02 -34.20
N TYR B 156 2.55 -5.05 -33.41
CA TYR B 156 3.56 -5.98 -32.95
C TYR B 156 2.91 -7.32 -32.63
N THR B 157 3.70 -8.21 -32.05
CA THR B 157 3.27 -9.57 -31.72
C THR B 157 3.36 -9.76 -30.22
N ASP B 158 2.33 -10.38 -29.64
CA ASP B 158 2.26 -10.59 -28.20
C ASP B 158 3.40 -11.49 -27.73
N PRO B 159 4.23 -11.03 -26.79
CA PRO B 159 5.26 -11.92 -26.23
C PRO B 159 4.69 -13.14 -25.54
N PHE B 160 3.51 -13.01 -24.91
CA PHE B 160 2.91 -14.15 -24.21
C PHE B 160 2.56 -15.27 -25.18
N SER B 161 1.99 -14.92 -26.33
CA SER B 161 1.65 -15.90 -27.37
C SER B 161 2.00 -15.30 -28.73
N ASN B 162 2.87 -15.97 -29.46
CA ASN B 162 3.37 -15.45 -30.74
C ASN B 162 2.43 -15.71 -31.91
N GLN B 163 1.17 -16.02 -31.64
CA GLN B 163 0.18 -16.25 -32.70
C GLN B 163 -0.85 -15.14 -32.81
N THR B 164 -0.79 -14.13 -31.94
CA THR B 164 -1.76 -13.04 -31.93
C THR B 164 -1.04 -11.73 -32.23
N LEU B 165 -1.62 -10.93 -33.12
CA LEU B 165 -1.06 -9.63 -33.48
C LEU B 165 -1.79 -8.54 -32.71
N LYS B 166 -1.02 -7.64 -32.09
CA LYS B 166 -1.56 -6.57 -31.26
C LYS B 166 -1.32 -5.23 -31.95
N SER B 167 -2.38 -4.43 -32.08
CA SER B 167 -2.29 -3.08 -32.61
C SER B 167 -2.59 -2.10 -31.50
N ALA B 168 -1.66 -1.17 -31.26
CA ALA B 168 -1.76 -0.23 -30.16
C ALA B 168 -1.73 1.21 -30.68
N LEU B 169 -2.36 2.09 -29.92
CA LEU B 169 -2.36 3.52 -30.20
C LEU B 169 -1.70 4.23 -29.02
N ILE B 170 -0.58 4.92 -29.29
CA ILE B 170 0.22 5.55 -28.25
C ILE B 170 -0.12 7.03 -28.21
N VAL B 171 -0.40 7.53 -27.01
CA VAL B 171 -0.83 8.91 -26.77
C VAL B 171 0.09 9.54 -25.74
N ARG B 172 0.47 10.80 -25.99
CA ARG B 172 1.27 11.54 -25.03
C ARG B 172 0.49 11.84 -23.76
N GLY B 173 1.15 11.67 -22.61
CA GLY B 173 0.54 11.99 -21.34
C GLY B 173 0.76 13.45 -20.95
N PRO B 174 0.13 13.87 -19.86
CA PRO B 174 0.30 15.24 -19.39
C PRO B 174 1.64 15.43 -18.69
N ARG B 175 2.05 16.70 -18.59
CA ARG B 175 3.30 17.08 -17.94
C ARG B 175 3.07 18.00 -16.75
N GLU B 176 2.24 19.02 -16.90
CA GLU B 176 2.09 20.05 -15.87
C GLU B 176 1.27 19.55 -14.69
N VAL B 177 1.93 18.90 -13.73
CA VAL B 177 1.25 18.50 -12.51
C VAL B 177 0.92 19.73 -11.66
N GLN B 178 1.74 20.78 -11.75
CA GLN B 178 1.48 21.99 -10.97
C GLN B 178 0.21 22.71 -11.43
N LYS B 179 -0.10 22.64 -12.72
CA LYS B 179 -1.30 23.26 -13.28
C LYS B 179 -2.46 22.28 -13.40
N ARG B 180 -2.28 21.04 -12.95
CA ARG B 180 -3.31 20.01 -13.04
C ARG B 180 -3.76 19.78 -14.49
N GLU B 181 -2.79 19.63 -15.37
CA GLU B 181 -3.07 19.29 -16.76
C GLU B 181 -3.57 17.85 -16.85
N LEU B 182 -4.49 17.62 -17.79
CA LEU B 182 -5.08 16.29 -17.92
C LEU B 182 -5.35 16.01 -19.39
N VAL B 183 -5.52 14.73 -19.71
CA VAL B 183 -5.84 14.27 -21.05
C VAL B 183 -7.19 13.57 -21.01
N PHE B 184 -8.12 14.01 -21.86
CA PHE B 184 -9.46 13.46 -21.93
C PHE B 184 -9.62 12.73 -23.26
N LEU B 185 -10.10 11.48 -23.18
CA LEU B 185 -10.25 10.59 -24.32
C LEU B 185 -11.67 10.07 -24.38
N GLN B 186 -12.22 9.99 -25.59
CA GLN B 186 -13.59 9.52 -25.81
C GLN B 186 -13.61 8.65 -27.06
N PHE B 187 -13.99 7.38 -26.88
CA PHE B 187 -14.11 6.37 -27.92
C PHE B 187 -15.57 5.95 -28.09
N ARG B 188 -15.86 5.35 -29.24
CA ARG B 188 -17.19 4.84 -29.55
C ARG B 188 -17.09 3.49 -30.22
N LEU B 189 -17.85 2.52 -29.74
CA LEU B 189 -17.96 1.20 -30.35
C LEU B 189 -19.36 1.05 -30.91
N ASN B 190 -19.45 0.77 -32.22
CA ASN B 190 -20.74 0.74 -32.89
C ASN B 190 -21.57 -0.45 -32.45
N GLN B 191 -21.05 -1.66 -32.67
CA GLN B 191 -21.77 -2.87 -32.30
C GLN B 191 -20.78 -3.99 -32.07
N SER B 192 -21.14 -4.92 -31.19
CA SER B 192 -20.30 -6.08 -30.90
C SER B 192 -21.18 -7.18 -30.32
N SER B 193 -20.67 -8.40 -30.38
CA SER B 193 -21.38 -9.55 -29.85
C SER B 193 -21.08 -9.83 -28.38
N GLU B 194 -20.01 -9.24 -27.84
CA GLU B 194 -19.66 -9.46 -26.45
C GLU B 194 -20.64 -8.74 -25.53
N ASP B 195 -20.72 -9.22 -24.29
CA ASP B 195 -21.62 -8.67 -23.29
C ASP B 195 -20.90 -7.94 -22.16
N PHE B 196 -19.56 -7.87 -22.22
CA PHE B 196 -18.78 -7.07 -21.28
C PHE B 196 -17.69 -6.38 -22.09
N SER B 197 -17.92 -5.12 -22.43
CA SER B 197 -17.02 -4.35 -23.29
C SER B 197 -16.09 -3.48 -22.46
N ALA B 198 -14.79 -3.56 -22.75
CA ALA B 198 -13.80 -2.73 -22.08
C ALA B 198 -12.62 -2.53 -23.02
N ILE B 199 -11.81 -1.52 -22.71
CA ILE B 199 -10.65 -1.16 -23.51
C ILE B 199 -9.42 -1.25 -22.64
N ASP B 200 -8.38 -1.91 -23.15
CA ASP B 200 -7.13 -2.12 -22.44
C ASP B 200 -6.22 -0.91 -22.62
N TYR B 201 -5.44 -0.61 -21.57
CA TYR B 201 -4.46 0.45 -21.63
C TYR B 201 -3.23 0.06 -20.81
N LEU B 202 -2.10 0.65 -21.21
CA LEU B 202 -0.80 0.42 -20.60
C LEU B 202 -0.08 1.76 -20.48
N LEU B 203 0.76 1.88 -19.46
CA LEU B 203 1.47 3.13 -19.19
C LEU B 203 2.97 2.86 -19.17
N PHE B 204 3.73 3.68 -19.92
CA PHE B 204 5.18 3.64 -19.84
C PHE B 204 5.73 5.05 -19.69
N SER B 205 6.98 5.13 -19.23
CA SER B 205 7.50 6.36 -18.65
C SER B 205 7.72 7.45 -19.69
N SER B 206 8.34 7.12 -20.82
CA SER B 206 8.80 8.13 -21.78
C SER B 206 8.20 7.88 -23.15
N PHE B 207 7.47 8.86 -23.66
CA PHE B 207 6.96 8.82 -25.03
C PHE B 207 8.04 9.16 -26.05
N GLN B 208 8.97 10.05 -25.68
CA GLN B 208 10.08 10.39 -26.57
C GLN B 208 10.97 9.19 -26.81
N GLU B 209 11.20 8.39 -25.76
CA GLU B 209 11.94 7.14 -25.93
C GLU B 209 11.27 6.24 -26.94
N PHE B 210 9.93 6.18 -26.92
CA PHE B 210 9.20 5.40 -27.91
C PHE B 210 9.41 5.98 -29.32
N LEU B 211 9.37 7.31 -29.44
CA LEU B 211 9.50 7.92 -30.77
C LEU B 211 10.85 7.62 -31.40
N GLN B 212 11.94 7.87 -30.67
CA GLN B 212 13.29 7.66 -31.21
C GLN B 212 13.75 6.27 -30.81
N SER B 213 13.34 5.28 -31.59
CA SER B 213 13.68 3.89 -31.35
C SER B 213 13.78 3.15 -32.68
N PRO B 214 14.89 2.47 -32.96
CA PRO B 214 15.02 1.76 -34.24
C PRO B 214 13.97 0.68 -34.44
N ASP B 215 13.52 0.03 -33.37
CA ASP B 215 12.52 -1.03 -33.44
C ASP B 215 11.40 -0.69 -32.45
N ARG B 216 10.34 -0.08 -32.95
CA ARG B 216 9.18 0.22 -32.11
C ARG B 216 8.44 -1.02 -31.66
N ALA B 217 8.34 -2.04 -32.53
CA ALA B 217 7.70 -3.29 -32.14
C ALA B 217 8.45 -3.97 -31.00
N GLY B 218 9.78 -3.96 -31.05
CA GLY B 218 10.56 -4.50 -29.95
C GLY B 218 10.35 -3.74 -28.66
N PHE B 219 10.26 -2.41 -28.76
CA PHE B 219 9.98 -1.59 -27.58
C PHE B 219 8.63 -1.96 -26.97
N MET B 220 7.61 -2.12 -27.81
CA MET B 220 6.28 -2.49 -27.32
C MET B 220 6.30 -3.87 -26.70
N GLN B 221 7.01 -4.82 -27.32
CA GLN B 221 7.10 -6.17 -26.76
C GLN B 221 7.80 -6.16 -25.40
N ALA B 222 8.86 -5.37 -25.26
CA ALA B 222 9.54 -5.27 -23.98
C ALA B 222 8.66 -4.62 -22.93
N CYS B 223 7.93 -3.56 -23.31
CA CYS B 223 7.04 -2.88 -22.36
C CYS B 223 5.87 -3.76 -21.95
N GLU B 224 5.45 -4.69 -22.82
CA GLU B 224 4.36 -5.59 -22.47
C GLU B 224 4.72 -6.44 -21.26
N SER B 225 5.95 -6.94 -21.21
CA SER B 225 6.41 -7.76 -20.09
C SER B 225 6.89 -6.92 -18.92
N ALA B 226 7.50 -5.77 -19.18
CA ALA B 226 8.04 -4.93 -18.12
C ALA B 226 6.98 -4.13 -17.37
N TYR B 227 5.76 -4.05 -17.89
CA TYR B 227 4.71 -3.24 -17.30
C TYR B 227 3.41 -4.04 -17.22
N SER B 228 2.47 -3.54 -16.43
CA SER B 228 1.17 -4.16 -16.23
C SER B 228 0.08 -3.26 -16.81
N SER B 229 -0.93 -3.88 -17.42
CA SER B 229 -1.99 -3.18 -18.10
C SER B 229 -3.30 -3.26 -17.31
N TRP B 230 -4.18 -2.30 -17.58
CA TRP B 230 -5.48 -2.22 -16.92
C TRP B 230 -6.57 -2.04 -17.97
N LYS B 231 -7.80 -1.91 -17.51
CA LYS B 231 -8.97 -1.78 -18.38
C LYS B 231 -9.83 -0.60 -17.93
N PHE B 232 -10.56 -0.04 -18.88
CA PHE B 232 -11.64 0.88 -18.56
C PHE B 232 -12.87 0.51 -19.39
N SER B 233 -14.04 0.54 -18.76
CA SER B 233 -15.26 0.01 -19.33
C SER B 233 -16.13 1.11 -19.94
N GLY B 234 -17.07 0.68 -20.79
CA GLY B 234 -18.00 1.61 -21.38
C GLY B 234 -19.17 1.92 -20.47
N GLY B 235 -19.88 3.00 -20.80
CA GLY B 235 -20.96 3.48 -19.97
C GLY B 235 -20.51 4.19 -18.72
N PHE B 236 -19.20 4.42 -18.57
CA PHE B 236 -18.64 5.09 -17.42
C PHE B 236 -17.71 6.20 -17.90
N ARG B 237 -17.31 7.06 -16.97
CA ARG B 237 -16.13 7.89 -17.12
C ARG B 237 -15.14 7.46 -16.05
N THR B 238 -13.93 7.09 -16.48
CA THR B 238 -12.89 6.62 -15.59
C THR B 238 -11.85 7.71 -15.42
N TRP B 239 -11.58 8.09 -14.17
CA TRP B 239 -10.56 9.06 -13.83
C TRP B 239 -9.42 8.32 -13.17
N VAL B 240 -8.22 8.46 -13.72
CA VAL B 240 -7.05 7.69 -13.31
C VAL B 240 -6.02 8.66 -12.76
N LYS B 241 -5.68 8.49 -11.48
CA LYS B 241 -4.57 9.21 -10.86
C LYS B 241 -3.34 8.30 -10.89
N MET B 242 -2.28 8.77 -11.53
CA MET B 242 -1.09 7.97 -11.78
C MET B 242 0.12 8.59 -11.11
N SER B 243 0.99 7.73 -10.59
CA SER B 243 2.17 8.14 -9.83
C SER B 243 3.34 7.24 -10.17
N LEU B 244 4.55 7.73 -9.89
CA LEU B 244 5.78 7.05 -10.26
C LEU B 244 6.51 6.53 -9.03
N VAL B 245 6.92 5.27 -9.10
CA VAL B 245 7.69 4.63 -8.04
C VAL B 245 8.99 4.10 -8.64
N GLU B 246 10.11 4.51 -8.05
CA GLU B 246 11.43 4.06 -8.46
C GLU B 246 12.00 3.14 -7.39
N THR B 247 12.73 2.12 -7.81
CA THR B 247 13.27 1.10 -6.92
C THR B 247 14.73 0.86 -7.27
N LYS B 248 15.57 0.84 -6.25
CA LYS B 248 16.98 0.49 -6.38
C LYS B 248 17.19 -0.95 -5.95
N GLU B 249 17.76 -1.75 -6.84
CA GLU B 249 17.95 -3.17 -6.59
C GLU B 249 19.38 -3.44 -6.12
N GLU B 250 19.62 -4.69 -5.72
CA GLU B 250 20.94 -5.07 -5.22
C GLU B 250 22.01 -4.94 -6.30
N ASP B 251 21.68 -5.32 -7.54
CA ASP B 251 22.64 -5.22 -8.63
C ASP B 251 22.85 -3.78 -9.07
N GLY B 252 22.02 -2.84 -8.62
CA GLY B 252 22.11 -1.46 -9.00
C GLY B 252 21.14 -1.01 -10.08
N ARG B 253 20.13 -1.80 -10.42
CA ARG B 253 19.19 -1.44 -11.46
C ARG B 253 18.19 -0.42 -10.95
N GLU B 254 17.88 0.56 -11.79
CA GLU B 254 16.89 1.59 -11.48
C GLU B 254 15.58 1.20 -12.14
N ALA B 255 14.67 0.63 -11.36
CA ALA B 255 13.40 0.13 -11.89
C ALA B 255 12.30 1.16 -11.64
N VAL B 256 11.72 1.67 -12.71
CA VAL B 256 10.64 2.66 -12.63
C VAL B 256 9.33 1.98 -12.99
N GLU B 257 8.29 2.26 -12.21
CA GLU B 257 6.99 1.64 -12.42
C GLU B 257 5.89 2.64 -12.07
N PHE B 258 4.69 2.31 -12.54
CA PHE B 258 3.52 3.17 -12.40
C PHE B 258 2.56 2.59 -11.37
N ARG B 259 2.06 3.45 -10.48
CA ARG B 259 0.92 3.14 -9.64
C ARG B 259 -0.26 3.98 -10.10
N GLN B 260 -1.47 3.45 -9.90
CA GLN B 260 -2.64 4.12 -10.44
C GLN B 260 -3.86 3.79 -9.60
N GLU B 261 -4.75 4.77 -9.46
CA GLU B 261 -6.02 4.61 -8.77
C GLU B 261 -7.13 5.15 -9.65
N THR B 262 -8.28 4.48 -9.63
CA THR B 262 -9.37 4.79 -10.53
C THR B 262 -10.60 5.29 -9.76
N SER B 263 -11.41 6.07 -10.47
CA SER B 263 -12.71 6.50 -9.98
C SER B 263 -13.68 6.49 -11.15
N VAL B 264 -14.79 5.76 -11.00
CA VAL B 264 -15.76 5.59 -12.08
C VAL B 264 -16.99 6.43 -11.77
N VAL B 265 -17.51 7.11 -12.79
CA VAL B 265 -18.69 7.95 -12.66
C VAL B 265 -19.69 7.53 -13.74
N ASN B 266 -20.94 7.31 -13.35
CA ASN B 266 -21.97 6.91 -14.30
C ASN B 266 -22.15 7.97 -15.39
N TYR B 267 -22.33 7.49 -16.62
CA TYR B 267 -22.62 8.36 -17.75
C TYR B 267 -24.13 8.43 -17.96
N ILE B 268 -24.67 9.64 -17.91
CA ILE B 268 -26.11 9.86 -18.06
C ILE B 268 -26.37 9.95 -19.57
N ASP B 269 -26.92 8.89 -20.13
CA ASP B 269 -27.13 8.80 -21.57
C ASP B 269 -28.33 9.65 -21.96
N GLN B 270 -28.09 10.80 -22.58
CA GLN B 270 -29.15 11.67 -23.09
C GLN B 270 -29.26 11.60 -24.61
N ARG B 271 -28.58 10.65 -25.25
CA ARG B 271 -28.64 10.51 -26.70
C ARG B 271 -30.02 10.00 -27.12
N PRO B 272 -30.41 10.26 -28.37
CA PRO B 272 -31.67 9.71 -28.87
C PRO B 272 -31.66 8.18 -28.86
N ALA B 273 -32.85 7.60 -28.71
CA ALA B 273 -32.96 6.15 -28.58
C ALA B 273 -32.46 5.41 -29.81
N ALA B 274 -32.39 6.06 -30.97
CA ALA B 274 -31.90 5.40 -32.17
C ALA B 274 -30.40 5.15 -32.09
N GLU B 275 -29.68 5.95 -31.31
CA GLU B 275 -28.23 5.84 -31.19
C GLU B 275 -27.79 5.16 -29.90
N LYS B 276 -28.71 4.54 -29.17
CA LYS B 276 -28.36 3.90 -27.91
C LYS B 276 -27.62 2.58 -28.10
N SER B 277 -27.63 2.04 -29.32
CA SER B 277 -26.91 0.78 -29.57
C SER B 277 -25.40 0.97 -29.41
N ALA B 278 -24.87 2.09 -29.87
CA ALA B 278 -23.45 2.36 -29.74
C ALA B 278 -23.09 2.59 -28.27
N GLN B 279 -21.86 2.22 -27.92
CA GLN B 279 -21.37 2.30 -26.55
C GLN B 279 -20.20 3.26 -26.48
N LEU B 280 -20.23 4.16 -25.51
CA LEU B 280 -19.25 5.24 -25.39
C LEU B 280 -18.28 4.97 -24.24
N PHE B 281 -17.02 5.29 -24.47
CA PHE B 281 -15.97 5.14 -23.48
C PHE B 281 -15.34 6.51 -23.22
N PHE B 282 -15.27 6.90 -21.95
CA PHE B 282 -14.64 8.14 -21.54
C PHE B 282 -13.55 7.84 -20.52
N VAL B 283 -12.40 8.48 -20.65
CA VAL B 283 -11.30 8.26 -19.72
C VAL B 283 -10.48 9.54 -19.58
N VAL B 284 -9.95 9.75 -18.38
CA VAL B 284 -9.12 10.91 -18.05
C VAL B 284 -7.83 10.43 -17.43
N PHE B 285 -6.71 10.97 -17.91
CA PHE B 285 -5.38 10.67 -17.37
C PHE B 285 -4.73 11.95 -16.88
N GLU B 286 -4.27 11.94 -15.62
CA GLU B 286 -3.55 13.08 -15.08
C GLU B 286 -2.85 12.65 -13.79
N TRP B 287 -1.79 13.40 -13.45
CA TRP B 287 -0.92 13.03 -12.34
C TRP B 287 -1.56 13.33 -11.00
N LYS B 288 -1.36 12.42 -10.04
CA LYS B 288 -1.92 12.60 -8.70
C LYS B 288 -1.21 13.73 -7.95
N ASP B 289 0.12 13.73 -7.97
CA ASP B 289 0.90 14.68 -7.21
C ASP B 289 2.29 14.77 -7.83
N PRO B 290 3.05 15.83 -7.53
CA PRO B 290 4.41 15.94 -8.06
C PRO B 290 5.46 15.15 -7.29
N PHE B 291 5.05 14.22 -6.43
CA PHE B 291 5.98 13.44 -5.63
C PHE B 291 6.21 12.08 -6.26
N ILE B 292 7.47 11.76 -6.55
CA ILE B 292 7.87 10.44 -7.01
C ILE B 292 8.43 9.68 -5.83
N GLN B 293 7.96 8.45 -5.63
CA GLN B 293 8.39 7.64 -4.51
C GLN B 293 9.66 6.88 -4.87
N LYS B 294 10.51 6.64 -3.88
CA LYS B 294 11.77 5.94 -4.08
C LYS B 294 11.96 4.91 -2.98
N VAL B 295 12.25 3.67 -3.37
CA VAL B 295 12.43 2.56 -2.44
C VAL B 295 13.82 1.96 -2.67
N GLN B 296 14.58 1.80 -1.60
CA GLN B 296 15.93 1.27 -1.66
C GLN B 296 16.10 0.19 -0.58
N ASP B 297 16.94 -0.79 -0.89
CA ASP B 297 17.27 -1.85 0.06
C ASP B 297 18.64 -1.56 0.67
N ILE B 298 18.70 -1.47 1.99
CA ILE B 298 19.91 -1.16 2.73
C ILE B 298 20.36 -2.41 3.46
N ILE B 299 21.62 -2.78 3.28
CA ILE B 299 22.22 -3.94 3.93
C ILE B 299 22.98 -3.45 5.15
N THR B 300 22.63 -3.98 6.33
CA THR B 300 23.22 -3.55 7.59
C THR B 300 24.30 -4.50 8.07
N ALA B 301 25.07 -5.10 7.16
CA ALA B 301 26.14 -6.02 7.50
C ALA B 301 27.45 -5.43 6.98
N ASN B 302 28.21 -4.78 7.86
CA ASN B 302 29.50 -4.21 7.50
C ASN B 302 30.61 -5.06 8.09
N PRO B 303 31.38 -5.79 7.27
CA PRO B 303 32.42 -6.67 7.84
C PRO B 303 33.48 -5.93 8.65
N TRP B 304 33.84 -4.71 8.24
CA TRP B 304 34.91 -3.99 8.94
C TRP B 304 34.47 -3.55 10.33
N ASN B 305 33.22 -3.14 10.49
CA ASN B 305 32.71 -2.82 11.81
C ASN B 305 32.70 -4.05 12.71
N THR B 306 32.33 -5.21 12.16
CA THR B 306 32.38 -6.45 12.93
C THR B 306 33.81 -6.78 13.34
N ILE B 307 34.77 -6.60 12.43
CA ILE B 307 36.16 -6.87 12.76
C ILE B 307 36.64 -5.94 13.87
N ALA B 308 36.30 -4.66 13.79
CA ALA B 308 36.70 -3.72 14.82
C ALA B 308 36.08 -4.06 16.17
N LEU B 309 34.79 -4.46 16.16
CA LEU B 309 34.13 -4.84 17.40
C LEU B 309 34.78 -6.07 18.02
N LEU B 310 35.10 -7.07 17.18
CA LEU B 310 35.76 -8.27 17.69
C LEU B 310 37.14 -7.94 18.25
N CYS B 311 37.88 -7.06 17.58
CA CYS B 311 39.19 -6.66 18.08
C CYS B 311 39.06 -5.96 19.43
N GLY B 312 38.10 -5.05 19.56
CA GLY B 312 37.88 -4.38 20.83
C GLY B 312 37.51 -5.35 21.94
N ALA B 313 36.65 -6.31 21.63
CA ALA B 313 36.28 -7.32 22.63
C ALA B 313 37.50 -8.14 23.05
N PHE B 314 38.35 -8.50 22.08
CA PHE B 314 39.55 -9.27 22.40
C PHE B 314 40.49 -8.47 23.30
N LEU B 315 40.68 -7.18 23.01
CA LEU B 315 41.52 -6.35 23.87
C LEU B 315 40.93 -6.23 25.26
N ALA B 316 39.60 -6.06 25.35
CA ALA B 316 38.96 -5.98 26.67
C ALA B 316 39.17 -7.26 27.46
N LEU B 317 39.03 -8.41 26.81
CA LEU B 317 39.24 -9.69 27.50
C LEU B 317 40.69 -9.83 27.93
N PHE B 318 41.64 -9.44 27.09
CA PHE B 318 43.05 -9.54 27.45
C PHE B 318 43.38 -8.66 28.65
N LYS B 319 42.88 -7.42 28.66
CA LYS B 319 43.16 -6.55 29.79
C LYS B 319 42.43 -6.98 31.05
N ALA B 320 41.23 -7.56 30.91
CA ALA B 320 40.57 -8.14 32.07
C ALA B 320 41.37 -9.31 32.64
N ALA B 321 41.94 -10.14 31.76
CA ALA B 321 42.79 -11.23 32.21
C ALA B 321 44.04 -10.71 32.93
N GLU B 322 44.63 -9.63 32.40
CA GLU B 322 45.79 -9.03 33.07
C GLU B 322 45.41 -8.47 34.44
N PHE B 323 44.24 -7.84 34.55
CA PHE B 323 43.78 -7.33 35.83
C PHE B 323 43.53 -8.47 36.81
N ALA B 324 42.98 -9.58 36.34
CA ALA B 324 42.79 -10.75 37.20
C ALA B 324 44.13 -11.32 37.63
N LYS B 325 45.12 -11.32 36.73
CA LYS B 325 46.47 -11.76 37.11
C LYS B 325 47.04 -10.89 38.22
N LEU B 326 46.87 -9.57 38.10
CA LEU B 326 47.32 -8.69 39.17
C LEU B 326 46.56 -8.96 40.47
N SER B 327 45.25 -9.14 40.38
CA SER B 327 44.44 -9.37 41.58
C SER B 327 44.86 -10.63 42.31
N VAL B 328 45.12 -11.72 41.57
CA VAL B 328 45.62 -12.92 42.20
C VAL B 328 47.08 -12.75 42.61
N LYS B 329 47.79 -11.77 42.03
CA LYS B 329 49.14 -11.48 42.48
C LYS B 329 49.14 -10.86 43.88
N TRP B 330 48.18 -9.98 44.17
CA TRP B 330 48.11 -9.43 45.53
C TRP B 330 47.67 -10.48 46.54
N MET B 331 46.46 -11.01 46.40
CA MET B 331 45.84 -11.84 47.42
C MET B 331 45.75 -13.31 47.03
N ILE B 332 45.15 -13.61 45.89
CA ILE B 332 44.90 -15.00 45.51
C ILE B 332 46.17 -15.65 44.94
N LEU C 69 52.36 22.87 36.88
CA LEU C 69 52.61 21.83 37.88
C LEU C 69 51.73 20.61 37.62
N LEU C 70 51.36 19.91 38.69
CA LEU C 70 50.51 18.73 38.59
C LEU C 70 49.06 19.15 38.44
N ILE C 71 48.47 18.82 37.30
CA ILE C 71 47.08 19.19 36.99
C ILE C 71 46.30 17.91 36.74
N PHE C 72 45.11 17.81 37.35
CA PHE C 72 44.25 16.64 37.22
C PHE C 72 43.38 16.82 35.98
N ILE C 73 43.52 15.92 35.02
CA ILE C 73 42.76 15.99 33.78
C ILE C 73 41.81 14.80 33.60
N TYR C 74 42.03 13.70 34.31
CA TYR C 74 41.21 12.50 34.13
C TYR C 74 39.78 12.67 34.64
N LEU C 75 39.50 13.76 35.37
CA LEU C 75 38.11 14.07 35.72
C LEU C 75 37.25 14.11 34.47
N LEU C 76 37.71 14.84 33.45
CA LEU C 76 37.03 14.82 32.16
C LEU C 76 37.01 13.43 31.55
N LEU C 77 38.02 12.61 31.85
CA LEU C 77 38.08 11.27 31.28
C LEU C 77 36.91 10.41 31.76
N MET C 78 36.71 10.31 33.08
CA MET C 78 35.56 9.51 33.47
C MET C 78 34.24 10.25 33.32
N ALA C 79 34.26 11.57 33.20
CA ALA C 79 33.05 12.29 32.80
C ALA C 79 32.60 11.85 31.41
N VAL C 80 33.56 11.78 30.47
CA VAL C 80 33.25 11.29 29.13
C VAL C 80 32.85 9.82 29.18
N ALA C 81 33.47 9.04 30.07
CA ALA C 81 33.08 7.65 30.24
C ALA C 81 31.60 7.53 30.61
N VAL C 82 31.18 8.26 31.65
CA VAL C 82 29.78 8.22 32.07
C VAL C 82 28.87 8.74 30.96
N PHE C 83 29.32 9.77 30.26
CA PHE C 83 28.60 10.32 29.12
C PHE C 83 28.32 9.24 28.07
N LEU C 84 29.37 8.49 27.68
CA LEU C 84 29.22 7.46 26.66
C LEU C 84 28.33 6.33 27.15
N VAL C 85 28.48 5.90 28.40
CA VAL C 85 27.64 4.82 28.92
C VAL C 85 26.18 5.24 28.95
N TYR C 86 25.92 6.48 29.39
CA TYR C 86 24.55 6.98 29.45
C TYR C 86 23.91 7.00 28.07
N GLN C 87 24.62 7.54 27.07
CA GLN C 87 24.03 7.60 25.75
C GLN C 87 23.92 6.22 25.10
N THR C 88 24.83 5.31 25.43
CA THR C 88 24.70 3.94 24.93
C THR C 88 23.46 3.28 25.50
N ILE C 89 23.21 3.46 26.80
CA ILE C 89 22.01 2.88 27.42
C ILE C 89 20.76 3.48 26.80
N MET C 90 20.76 4.82 26.61
CA MET C 90 19.60 5.47 26.02
C MET C 90 19.35 4.98 24.59
N ASP C 91 20.41 4.83 23.80
CA ASP C 91 20.27 4.35 22.43
C ASP C 91 19.76 2.92 22.40
N PHE C 92 20.25 2.08 23.31
CA PHE C 92 19.77 0.70 23.36
C PHE C 92 18.28 0.64 23.72
N ARG C 93 17.87 1.45 24.71
CA ARG C 93 16.45 1.47 25.09
C ARG C 93 15.59 1.98 23.94
N GLU C 94 16.07 3.02 23.24
CA GLU C 94 15.31 3.54 22.10
C GLU C 94 15.20 2.51 20.98
N LYS C 95 16.28 1.80 20.69
CA LYS C 95 16.26 0.81 19.63
C LYS C 95 15.40 -0.40 19.99
N LEU C 96 15.28 -0.70 21.28
CA LEU C 96 14.41 -1.80 21.69
C LEU C 96 12.93 -1.53 21.42
N LYS C 97 12.56 -0.27 21.19
CA LYS C 97 11.16 0.11 21.03
C LYS C 97 10.73 0.32 19.58
N HIS C 98 11.67 0.39 18.64
CA HIS C 98 11.36 0.69 17.24
C HIS C 98 12.02 -0.35 16.34
N PRO C 99 11.45 -1.54 16.23
CA PRO C 99 11.98 -2.53 15.29
C PRO C 99 11.76 -2.09 13.84
N VAL C 100 12.74 -2.37 13.00
CA VAL C 100 12.66 -2.03 11.57
C VAL C 100 11.88 -3.12 10.85
N MET C 101 11.50 -2.86 9.60
CA MET C 101 10.75 -3.81 8.81
C MET C 101 11.56 -4.24 7.58
N SER C 102 11.40 -5.50 7.19
CA SER C 102 12.06 -6.07 6.03
C SER C 102 11.03 -6.73 5.13
N VAL C 103 11.16 -6.53 3.83
CA VAL C 103 10.21 -7.01 2.84
C VAL C 103 10.96 -7.84 1.80
N SER C 104 10.43 -9.03 1.49
CA SER C 104 10.99 -9.92 0.49
C SER C 104 9.87 -10.45 -0.39
N TYR C 105 10.25 -11.02 -1.53
CA TYR C 105 9.30 -11.62 -2.47
C TYR C 105 9.74 -13.04 -2.78
N LYS C 106 8.76 -13.95 -2.88
CA LYS C 106 9.02 -15.34 -3.16
C LYS C 106 8.23 -15.75 -4.40
N GLU C 107 8.93 -16.28 -5.41
CA GLU C 107 8.29 -16.75 -6.63
C GLU C 107 7.91 -18.22 -6.48
N VAL C 108 6.70 -18.54 -6.90
CA VAL C 108 6.18 -19.90 -6.87
C VAL C 108 6.00 -20.40 -8.30
N ASP C 109 5.99 -21.72 -8.44
CA ASP C 109 5.67 -22.37 -9.71
C ASP C 109 4.21 -22.75 -9.83
N ARG C 110 3.50 -22.81 -8.71
CA ARG C 110 2.08 -23.14 -8.68
C ARG C 110 1.56 -22.82 -7.28
N TYR C 111 0.34 -22.30 -7.22
CA TYR C 111 -0.26 -21.94 -5.94
C TYR C 111 -1.03 -23.13 -5.36
N ASP C 112 -1.38 -23.01 -4.09
CA ASP C 112 -2.24 -23.98 -3.42
C ASP C 112 -3.67 -23.49 -3.54
N ALA C 113 -4.53 -24.33 -4.11
CA ALA C 113 -5.91 -23.99 -4.44
C ALA C 113 -6.63 -23.36 -3.25
N PRO C 114 -6.93 -22.07 -3.31
CA PRO C 114 -7.58 -21.41 -2.17
C PRO C 114 -9.04 -21.78 -2.08
N GLY C 115 -9.66 -21.36 -0.96
CA GLY C 115 -11.07 -21.55 -0.73
C GLY C 115 -11.80 -20.21 -0.78
N ILE C 116 -12.88 -20.18 -1.55
CA ILE C 116 -13.70 -18.98 -1.71
C ILE C 116 -15.06 -19.30 -1.09
N ALA C 117 -15.39 -18.62 0.00
CA ALA C 117 -16.67 -18.79 0.67
C ALA C 117 -17.63 -17.72 0.18
N LEU C 118 -18.73 -18.13 -0.43
CA LEU C 118 -19.73 -17.23 -0.97
C LEU C 118 -21.00 -17.32 -0.14
N TYR C 119 -21.71 -16.20 -0.01
CA TYR C 119 -22.92 -16.12 0.81
C TYR C 119 -24.08 -15.59 -0.04
N PRO C 120 -24.62 -16.41 -0.95
CA PRO C 120 -25.85 -16.02 -1.65
C PRO C 120 -27.08 -16.40 -0.86
N GLY C 121 -27.89 -15.42 -0.47
CA GLY C 121 -29.08 -15.71 0.30
C GLY C 121 -30.10 -16.49 -0.46
N GLN C 122 -30.70 -15.87 -1.48
CA GLN C 122 -31.67 -16.53 -2.35
C GLN C 122 -31.17 -16.68 -3.78
N ALA C 123 -30.04 -16.07 -4.13
CA ALA C 123 -29.49 -16.22 -5.47
C ALA C 123 -29.01 -17.64 -5.69
N GLN C 124 -29.30 -18.18 -6.86
CA GLN C 124 -28.90 -19.54 -7.23
C GLN C 124 -27.74 -19.50 -8.20
N LEU C 125 -26.74 -20.34 -7.95
CA LEU C 125 -25.56 -20.42 -8.80
C LEU C 125 -25.96 -20.99 -10.15
N LEU C 126 -26.03 -20.14 -11.17
CA LEU C 126 -26.36 -20.63 -12.51
C LEU C 126 -25.21 -21.41 -13.11
N SER C 127 -23.98 -20.91 -12.97
CA SER C 127 -22.88 -21.58 -13.65
C SER C 127 -21.56 -21.28 -12.93
N CYS C 128 -20.62 -22.20 -13.09
CA CYS C 128 -19.26 -22.04 -12.60
C CYS C 128 -18.34 -22.87 -13.47
N LYS C 129 -17.18 -22.31 -13.82
CA LYS C 129 -16.26 -23.04 -14.68
C LYS C 129 -14.84 -22.56 -14.46
N HIS C 130 -13.89 -23.39 -14.89
CA HIS C 130 -12.47 -23.09 -14.84
C HIS C 130 -11.99 -22.74 -16.24
N TYR C 131 -11.37 -21.57 -16.37
CA TYR C 131 -10.95 -21.06 -17.68
C TYR C 131 -9.48 -20.67 -17.70
N TYR C 132 -9.07 -20.02 -18.78
CA TYR C 132 -7.71 -19.53 -18.95
C TYR C 132 -7.83 -18.11 -19.48
N GLU C 133 -6.71 -17.58 -20.00
CA GLU C 133 -6.51 -16.15 -20.21
C GLU C 133 -7.71 -15.39 -20.76
N VAL C 134 -8.57 -16.06 -21.54
CA VAL C 134 -9.75 -15.42 -22.11
C VAL C 134 -10.98 -16.27 -21.78
N ILE C 135 -12.09 -15.59 -21.45
CA ILE C 135 -13.37 -16.25 -21.21
C ILE C 135 -14.17 -16.25 -22.51
N PRO C 136 -14.63 -17.39 -23.00
CA PRO C 136 -15.48 -17.41 -24.19
C PRO C 136 -16.81 -16.72 -23.90
N PRO C 137 -17.46 -16.15 -24.92
CA PRO C 137 -18.74 -15.48 -24.71
C PRO C 137 -19.80 -16.44 -24.20
N LEU C 138 -20.69 -15.92 -23.35
CA LEU C 138 -21.73 -16.74 -22.75
C LEU C 138 -22.73 -17.22 -23.79
N ARG C 139 -23.03 -18.51 -23.77
CA ARG C 139 -24.08 -19.04 -24.65
C ARG C 139 -25.43 -18.46 -24.31
N SER C 140 -25.74 -18.35 -23.01
CA SER C 140 -26.99 -17.74 -22.55
C SER C 140 -26.70 -16.96 -21.26
N PRO C 141 -26.85 -15.64 -21.29
CA PRO C 141 -26.46 -14.83 -20.12
C PRO C 141 -27.21 -15.16 -18.85
N GLY C 142 -28.49 -15.51 -18.91
CA GLY C 142 -29.29 -15.63 -17.70
C GLY C 142 -30.11 -16.89 -17.56
N GLN C 143 -29.59 -18.01 -18.04
CA GLN C 143 -30.26 -19.29 -17.92
C GLN C 143 -29.33 -20.31 -17.29
N PRO C 144 -29.88 -21.33 -16.64
CA PRO C 144 -29.04 -22.35 -15.99
C PRO C 144 -28.13 -23.05 -16.99
N GLY C 145 -26.90 -23.30 -16.57
CA GLY C 145 -25.89 -23.92 -17.41
C GLY C 145 -25.29 -25.13 -16.72
N ASP C 146 -23.98 -25.27 -16.88
CA ASP C 146 -23.22 -26.39 -16.34
C ASP C 146 -22.28 -25.90 -15.24
N VAL C 147 -22.31 -26.58 -14.10
CA VAL C 147 -21.40 -26.30 -13.00
C VAL C 147 -20.25 -27.31 -13.08
N ASN C 148 -19.04 -26.80 -13.23
CA ASN C 148 -17.86 -27.63 -13.47
C ASN C 148 -16.77 -27.31 -12.47
N CYS C 149 -17.13 -27.25 -11.18
CA CYS C 149 -16.18 -26.99 -10.12
C CYS C 149 -16.57 -27.78 -8.88
N THR C 150 -15.66 -27.85 -7.93
CA THR C 150 -15.88 -28.57 -6.67
C THR C 150 -16.42 -27.59 -5.63
N THR C 151 -17.61 -27.86 -5.11
CA THR C 151 -18.29 -26.98 -4.18
C THR C 151 -18.70 -27.77 -2.94
N GLN C 152 -18.80 -27.05 -1.82
CA GLN C 152 -19.20 -27.67 -0.55
C GLN C 152 -20.05 -26.69 0.24
N ARG C 153 -21.23 -27.12 0.67
CA ARG C 153 -22.13 -26.29 1.44
C ARG C 153 -21.89 -26.51 2.93
N VAL C 154 -21.92 -25.42 3.70
CA VAL C 154 -21.67 -25.48 5.14
C VAL C 154 -22.60 -24.52 5.85
N ASN C 155 -23.01 -24.88 7.06
CA ASN C 155 -23.81 -24.04 7.92
C ASN C 155 -23.10 -23.85 9.26
N TYR C 156 -23.11 -22.62 9.77
CA TYR C 156 -22.49 -22.34 11.07
C TYR C 156 -23.17 -21.13 11.68
N THR C 157 -22.61 -20.64 12.79
CA THR C 157 -23.17 -19.52 13.54
C THR C 157 -22.16 -18.38 13.54
N ASP C 158 -22.66 -17.16 13.35
CA ASP C 158 -21.81 -15.99 13.27
C ASP C 158 -21.10 -15.74 14.59
N PRO C 159 -19.77 -15.70 14.63
CA PRO C 159 -19.07 -15.34 15.88
C PRO C 159 -19.42 -13.95 16.38
N PHE C 160 -19.67 -12.99 15.47
CA PHE C 160 -20.00 -11.64 15.89
C PHE C 160 -21.30 -11.61 16.69
N SER C 161 -22.32 -12.33 16.23
CA SER C 161 -23.59 -12.43 16.94
C SER C 161 -24.08 -13.86 16.84
N ASN C 162 -24.28 -14.52 17.99
CA ASN C 162 -24.63 -15.93 18.03
C ASN C 162 -26.12 -16.18 17.83
N GLN C 163 -26.86 -15.21 17.30
CA GLN C 163 -28.28 -15.37 17.03
C GLN C 163 -28.60 -15.49 15.54
N THR C 164 -27.58 -15.43 14.68
CA THR C 164 -27.78 -15.51 13.24
C THR C 164 -27.01 -16.71 12.69
N LEU C 165 -27.68 -17.48 11.83
CA LEU C 165 -27.08 -18.66 11.20
C LEU C 165 -26.62 -18.29 9.80
N LYS C 166 -25.39 -18.66 9.47
CA LYS C 166 -24.78 -18.34 8.18
C LYS C 166 -24.60 -19.62 7.37
N SER C 167 -25.04 -19.58 6.12
CA SER C 167 -24.86 -20.67 5.17
C SER C 167 -23.89 -20.21 4.09
N ALA C 168 -22.82 -20.97 3.89
CA ALA C 168 -21.76 -20.61 2.96
C ALA C 168 -21.57 -21.71 1.93
N LEU C 169 -21.16 -21.30 0.73
CA LEU C 169 -20.80 -22.21 -0.34
C LEU C 169 -19.32 -22.03 -0.62
N ILE C 170 -18.54 -23.11 -0.47
CA ILE C 170 -17.10 -23.07 -0.59
C ILE C 170 -16.72 -23.60 -1.97
N VAL C 171 -15.93 -22.82 -2.70
CA VAL C 171 -15.48 -23.15 -4.04
C VAL C 171 -13.96 -23.20 -4.05
N ARG C 172 -13.40 -24.23 -4.68
CA ARG C 172 -11.96 -24.38 -4.77
C ARG C 172 -11.43 -23.45 -5.85
N GLY C 173 -10.48 -22.59 -5.50
CA GLY C 173 -10.03 -21.53 -6.37
C GLY C 173 -9.02 -21.99 -7.39
N PRO C 174 -8.53 -21.04 -8.19
CA PRO C 174 -7.56 -21.38 -9.23
C PRO C 174 -6.22 -21.79 -8.64
N ARG C 175 -5.48 -22.59 -9.40
CA ARG C 175 -4.22 -23.17 -8.94
C ARG C 175 -3.03 -22.71 -9.75
N GLU C 176 -3.11 -22.74 -11.08
CA GLU C 176 -1.97 -22.47 -11.94
C GLU C 176 -1.95 -21.00 -12.33
N VAL C 177 -0.92 -20.28 -11.87
CA VAL C 177 -0.79 -18.85 -12.15
C VAL C 177 0.03 -18.69 -13.43
N GLN C 178 0.89 -19.66 -13.72
CA GLN C 178 1.74 -19.58 -14.91
C GLN C 178 0.92 -19.64 -16.19
N LYS C 179 -0.22 -20.32 -16.17
CA LYS C 179 -1.10 -20.41 -17.32
C LYS C 179 -2.27 -19.44 -17.26
N ARG C 180 -2.33 -18.58 -16.24
CA ARG C 180 -3.39 -17.58 -16.08
C ARG C 180 -4.76 -18.25 -16.02
N GLU C 181 -4.92 -19.12 -15.01
CA GLU C 181 -6.16 -19.83 -14.81
C GLU C 181 -7.19 -18.94 -14.11
N LEU C 182 -8.45 -19.10 -14.48
CA LEU C 182 -9.54 -18.30 -13.94
C LEU C 182 -10.63 -19.20 -13.39
N VAL C 183 -11.38 -18.69 -12.43
CA VAL C 183 -12.63 -19.29 -12.00
C VAL C 183 -13.74 -18.28 -12.27
N PHE C 184 -14.72 -18.70 -13.07
CA PHE C 184 -15.82 -17.82 -13.47
C PHE C 184 -17.11 -18.32 -12.84
N LEU C 185 -17.81 -17.41 -12.16
CA LEU C 185 -19.03 -17.72 -11.41
C LEU C 185 -20.15 -16.81 -11.87
N GLN C 186 -21.36 -17.36 -11.99
CA GLN C 186 -22.53 -16.62 -12.42
C GLN C 186 -23.73 -17.08 -11.60
N PHE C 187 -24.31 -16.14 -10.85
CA PHE C 187 -25.49 -16.33 -10.00
C PHE C 187 -26.67 -15.53 -10.55
N ARG C 188 -27.86 -15.92 -10.13
CA ARG C 188 -29.08 -15.21 -10.50
C ARG C 188 -30.00 -15.09 -9.30
N LEU C 189 -30.48 -13.88 -9.05
CA LEU C 189 -31.46 -13.60 -8.01
C LEU C 189 -32.79 -13.26 -8.68
N ASN C 190 -33.83 -14.05 -8.37
CA ASN C 190 -35.11 -13.89 -9.06
C ASN C 190 -35.79 -12.59 -8.69
N GLN C 191 -36.10 -12.40 -7.41
CA GLN C 191 -36.77 -11.18 -6.97
C GLN C 191 -36.45 -10.96 -5.49
N SER C 192 -36.40 -9.69 -5.11
CA SER C 192 -36.15 -9.32 -3.73
C SER C 192 -36.67 -7.91 -3.50
N SER C 193 -36.81 -7.55 -2.23
CA SER C 193 -37.30 -6.22 -1.85
C SER C 193 -36.18 -5.21 -1.65
N GLU C 194 -34.94 -5.66 -1.46
CA GLU C 194 -33.82 -4.75 -1.27
C GLU C 194 -33.52 -3.98 -2.55
N ASP C 195 -33.04 -2.75 -2.38
CA ASP C 195 -32.69 -1.88 -3.49
C ASP C 195 -31.19 -1.78 -3.71
N PHE C 196 -30.39 -2.56 -2.98
CA PHE C 196 -28.93 -2.61 -3.17
C PHE C 196 -28.53 -4.07 -2.99
N SER C 197 -28.42 -4.80 -4.10
CA SER C 197 -28.16 -6.22 -4.09
C SER C 197 -26.68 -6.50 -4.29
N ALA C 198 -26.11 -7.31 -3.40
CA ALA C 198 -24.71 -7.71 -3.49
C ALA C 198 -24.54 -9.05 -2.81
N ILE C 199 -23.45 -9.74 -3.14
CA ILE C 199 -23.14 -11.06 -2.61
C ILE C 199 -21.81 -10.98 -1.88
N ASP C 200 -21.77 -11.52 -0.67
CA ASP C 200 -20.59 -11.52 0.18
C ASP C 200 -19.67 -12.68 -0.16
N TYR C 201 -18.37 -12.45 -0.03
CA TYR C 201 -17.39 -13.50 -0.24
C TYR C 201 -16.21 -13.32 0.70
N LEU C 202 -15.51 -14.42 0.93
CA LEU C 202 -14.37 -14.51 1.82
C LEU C 202 -13.34 -15.43 1.19
N LEU C 203 -12.06 -15.18 1.48
CA LEU C 203 -10.96 -15.95 0.90
C LEU C 203 -10.11 -16.55 2.01
N PHE C 204 -9.83 -17.85 1.92
CA PHE C 204 -8.87 -18.48 2.83
C PHE C 204 -7.89 -19.32 2.02
N SER C 205 -6.76 -19.64 2.66
CA SER C 205 -5.58 -20.07 1.92
C SER C 205 -5.74 -21.47 1.33
N SER C 206 -6.26 -22.42 2.11
CA SER C 206 -6.24 -23.83 1.71
C SER C 206 -7.66 -24.38 1.71
N PHE C 207 -8.07 -24.91 0.56
CA PHE C 207 -9.34 -25.62 0.45
C PHE C 207 -9.24 -27.04 1.02
N GLN C 208 -8.07 -27.67 0.86
CA GLN C 208 -7.87 -29.01 1.41
C GLN C 208 -7.93 -29.00 2.93
N GLU C 209 -7.39 -27.97 3.55
CA GLU C 209 -7.49 -27.84 5.01
C GLU C 209 -8.94 -27.80 5.45
N PHE C 210 -9.78 -27.06 4.72
CA PHE C 210 -11.21 -27.07 5.00
C PHE C 210 -11.82 -28.45 4.79
N LEU C 211 -11.42 -29.13 3.70
CA LEU C 211 -12.02 -30.43 3.39
C LEU C 211 -11.75 -31.45 4.48
N GLN C 212 -10.49 -31.59 4.89
CA GLN C 212 -10.13 -32.54 5.95
C GLN C 212 -10.08 -31.79 7.28
N SER C 213 -11.23 -31.74 7.94
CA SER C 213 -11.37 -31.04 9.21
C SER C 213 -12.50 -31.68 10.03
N PRO C 214 -12.23 -32.07 11.28
CA PRO C 214 -13.29 -32.67 12.09
C PRO C 214 -14.48 -31.75 12.33
N ASP C 215 -14.25 -30.45 12.43
CA ASP C 215 -15.31 -29.47 12.67
C ASP C 215 -15.24 -28.39 11.60
N ARG C 216 -16.02 -28.55 10.53
CA ARG C 216 -16.04 -27.54 9.47
C ARG C 216 -16.65 -26.23 9.96
N ALA C 217 -17.67 -26.31 10.83
CA ALA C 217 -18.29 -25.11 11.37
C ALA C 217 -17.30 -24.31 12.20
N GLY C 218 -16.48 -25.00 13.01
CA GLY C 218 -15.46 -24.29 13.76
C GLY C 218 -14.42 -23.65 12.86
N PHE C 219 -14.06 -24.34 11.77
CA PHE C 219 -13.13 -23.78 10.79
C PHE C 219 -13.70 -22.48 10.20
N MET C 220 -14.97 -22.51 9.81
CA MET C 220 -15.60 -21.32 9.25
C MET C 220 -15.69 -20.20 10.28
N GLN C 221 -16.02 -20.53 11.53
CA GLN C 221 -16.09 -19.51 12.57
C GLN C 221 -14.74 -18.87 12.82
N ALA C 222 -13.67 -19.68 12.82
CA ALA C 222 -12.33 -19.12 13.01
C ALA C 222 -11.93 -18.25 11.82
N CYS C 223 -12.24 -18.69 10.59
CA CYS C 223 -11.88 -17.91 9.41
C CYS C 223 -12.69 -16.62 9.31
N GLU C 224 -13.89 -16.58 9.90
CA GLU C 224 -14.68 -15.36 9.89
C GLU C 224 -13.95 -14.23 10.61
N SER C 225 -13.32 -14.53 11.74
CA SER C 225 -12.57 -13.53 12.49
C SER C 225 -11.14 -13.37 11.99
N ALA C 226 -10.54 -14.42 11.46
CA ALA C 226 -9.15 -14.37 11.02
C ALA C 226 -8.98 -13.73 9.65
N TYR C 227 -10.06 -13.52 8.90
CA TYR C 227 -9.99 -12.97 7.55
C TYR C 227 -11.02 -11.87 7.38
N SER C 228 -10.90 -11.14 6.28
CA SER C 228 -11.79 -10.03 5.95
C SER C 228 -12.64 -10.38 4.73
N SER C 229 -13.91 -9.99 4.77
CA SER C 229 -14.88 -10.32 3.74
C SER C 229 -15.17 -9.11 2.87
N TRP C 230 -15.55 -9.37 1.61
CA TRP C 230 -15.83 -8.33 0.65
C TRP C 230 -17.16 -8.62 -0.04
N LYS C 231 -17.55 -7.76 -0.98
CA LYS C 231 -18.81 -7.87 -1.68
C LYS C 231 -18.60 -7.72 -3.18
N PHE C 232 -19.49 -8.32 -3.96
CA PHE C 232 -19.58 -8.02 -5.39
C PHE C 232 -21.04 -7.84 -5.77
N SER C 233 -21.31 -6.83 -6.59
CA SER C 233 -22.67 -6.38 -6.86
C SER C 233 -23.22 -6.97 -8.15
N GLY C 234 -24.55 -6.89 -8.28
CA GLY C 234 -25.22 -7.34 -9.48
C GLY C 234 -25.21 -6.29 -10.58
N GLY C 235 -25.49 -6.74 -11.80
CA GLY C 235 -25.42 -5.87 -12.96
C GLY C 235 -24.02 -5.55 -13.42
N PHE C 236 -23.02 -6.18 -12.83
CA PHE C 236 -21.62 -5.97 -13.17
C PHE C 236 -20.95 -7.30 -13.42
N ARG C 237 -19.73 -7.24 -13.95
CA ARG C 237 -18.77 -8.33 -13.87
C ARG C 237 -17.59 -7.82 -13.07
N THR C 238 -17.26 -8.53 -11.99
CA THR C 238 -16.17 -8.14 -11.10
C THR C 238 -15.00 -9.08 -11.32
N TRP C 239 -13.84 -8.49 -11.61
CA TRP C 239 -12.59 -9.21 -11.78
C TRP C 239 -11.71 -8.94 -10.58
N VAL C 240 -11.31 -10.00 -9.88
CA VAL C 240 -10.55 -9.90 -8.64
C VAL C 240 -9.20 -10.54 -8.86
N LYS C 241 -8.14 -9.75 -8.67
CA LYS C 241 -6.77 -10.26 -8.69
C LYS C 241 -6.28 -10.33 -7.25
N MET C 242 -5.92 -11.52 -6.80
CA MET C 242 -5.59 -11.77 -5.40
C MET C 242 -4.11 -12.14 -5.25
N SER C 243 -3.54 -11.70 -4.13
CA SER C 243 -2.14 -11.91 -3.82
C SER C 243 -2.01 -12.30 -2.36
N LEU C 244 -0.90 -12.96 -2.02
CA LEU C 244 -0.67 -13.51 -0.70
C LEU C 244 0.41 -12.73 0.03
N VAL C 245 0.12 -12.36 1.27
CA VAL C 245 1.04 -11.64 2.13
C VAL C 245 1.28 -12.45 3.39
N GLU C 246 2.52 -12.84 3.64
CA GLU C 246 2.93 -13.53 4.84
C GLU C 246 3.65 -12.55 5.76
N THR C 247 3.39 -12.65 7.05
CA THR C 247 3.94 -11.74 8.05
C THR C 247 4.49 -12.55 9.22
N LYS C 248 5.69 -12.20 9.68
CA LYS C 248 6.32 -12.82 10.83
C LYS C 248 6.43 -11.79 11.94
N GLU C 249 5.94 -12.14 13.13
CA GLU C 249 5.99 -11.29 14.30
C GLU C 249 6.87 -11.93 15.37
N GLU C 250 6.90 -11.30 16.55
CA GLU C 250 7.86 -11.69 17.59
C GLU C 250 7.71 -13.15 17.99
N ASP C 251 6.49 -13.58 18.32
CA ASP C 251 6.30 -14.94 18.83
C ASP C 251 6.25 -15.99 17.73
N GLY C 252 6.08 -15.59 16.47
CA GLY C 252 6.19 -16.55 15.38
C GLY C 252 4.88 -17.22 14.98
N ARG C 253 3.85 -16.43 14.68
CA ARG C 253 2.59 -16.98 14.21
C ARG C 253 2.55 -17.19 12.70
N GLU C 254 3.55 -16.71 11.96
CA GLU C 254 3.64 -16.79 10.51
C GLU C 254 2.28 -16.60 9.84
N ALA C 255 1.68 -15.44 10.11
CA ALA C 255 0.34 -15.15 9.62
C ALA C 255 0.34 -15.02 8.10
N VAL C 256 -0.77 -15.44 7.48
CA VAL C 256 -0.96 -15.32 6.04
C VAL C 256 -2.30 -14.65 5.77
N GLU C 257 -2.31 -13.69 4.86
CA GLU C 257 -3.51 -12.95 4.54
C GLU C 257 -3.58 -12.69 3.04
N PHE C 258 -4.75 -12.26 2.59
CA PHE C 258 -5.04 -12.02 1.19
C PHE C 258 -5.14 -10.52 0.92
N ARG C 259 -4.71 -10.13 -0.27
CA ARG C 259 -4.93 -8.79 -0.79
C ARG C 259 -5.59 -8.92 -2.15
N GLN C 260 -6.36 -7.91 -2.54
CA GLN C 260 -7.05 -7.97 -3.82
C GLN C 260 -7.04 -6.61 -4.50
N GLU C 261 -7.18 -6.66 -5.82
CA GLU C 261 -7.54 -5.49 -6.62
C GLU C 261 -8.72 -5.89 -7.50
N THR C 262 -9.71 -5.02 -7.58
CA THR C 262 -10.97 -5.35 -8.23
C THR C 262 -11.27 -4.37 -9.36
N SER C 263 -11.90 -4.89 -10.41
CA SER C 263 -12.32 -4.09 -11.55
C SER C 263 -13.74 -4.47 -11.92
N VAL C 264 -14.60 -3.47 -12.11
CA VAL C 264 -16.00 -3.69 -12.43
C VAL C 264 -16.25 -3.28 -13.88
N VAL C 265 -17.00 -4.11 -14.59
CA VAL C 265 -17.35 -3.85 -15.99
C VAL C 265 -18.87 -3.95 -16.13
N ASN C 266 -19.46 -2.97 -16.80
CA ASN C 266 -20.92 -2.98 -17.01
C ASN C 266 -21.34 -4.20 -17.80
N TYR C 267 -22.49 -4.76 -17.43
CA TYR C 267 -23.09 -5.88 -18.14
C TYR C 267 -24.16 -5.34 -19.09
N ILE C 268 -24.00 -5.61 -20.39
CA ILE C 268 -24.94 -5.13 -21.40
C ILE C 268 -26.10 -6.14 -21.43
N ASP C 269 -27.23 -5.74 -20.84
CA ASP C 269 -28.37 -6.63 -20.71
C ASP C 269 -29.08 -6.74 -22.05
N GLN C 270 -28.92 -7.88 -22.73
CA GLN C 270 -29.60 -8.17 -23.99
C GLN C 270 -30.74 -9.16 -23.81
N ARG C 271 -31.10 -9.49 -22.57
CA ARG C 271 -32.17 -10.42 -22.31
C ARG C 271 -33.52 -9.82 -22.69
N PRO C 272 -34.52 -10.65 -22.96
CA PRO C 272 -35.86 -10.13 -23.23
C PRO C 272 -36.41 -9.37 -22.03
N ALA C 273 -37.28 -8.39 -22.33
CA ALA C 273 -37.80 -7.52 -21.28
C ALA C 273 -38.60 -8.27 -20.22
N ALA C 274 -39.10 -9.47 -20.54
CA ALA C 274 -39.85 -10.24 -19.55
C ALA C 274 -38.96 -10.76 -18.44
N GLU C 275 -37.67 -10.98 -18.72
CA GLU C 275 -36.73 -11.53 -17.76
C GLU C 275 -35.81 -10.47 -17.16
N LYS C 276 -36.11 -9.19 -17.35
CA LYS C 276 -35.26 -8.12 -16.84
C LYS C 276 -35.38 -7.92 -15.34
N SER C 277 -36.40 -8.49 -14.69
CA SER C 277 -36.59 -8.29 -13.27
C SER C 277 -35.54 -9.04 -12.44
N ALA C 278 -34.95 -10.10 -12.97
CA ALA C 278 -33.94 -10.85 -12.25
C ALA C 278 -32.58 -10.19 -12.35
N GLN C 279 -31.78 -10.33 -11.30
CA GLN C 279 -30.45 -9.74 -11.24
C GLN C 279 -29.40 -10.82 -11.47
N LEU C 280 -28.41 -10.50 -12.31
CA LEU C 280 -27.34 -11.42 -12.67
C LEU C 280 -26.05 -10.96 -12.03
N PHE C 281 -25.35 -11.88 -11.38
CA PHE C 281 -24.06 -11.61 -10.74
C PHE C 281 -22.99 -12.41 -11.47
N PHE C 282 -21.96 -11.72 -11.95
CA PHE C 282 -20.81 -12.36 -12.59
C PHE C 282 -19.55 -11.99 -11.83
N VAL C 283 -18.69 -12.98 -11.59
CA VAL C 283 -17.44 -12.72 -10.88
C VAL C 283 -16.35 -13.64 -11.42
N VAL C 284 -15.12 -13.12 -11.43
CA VAL C 284 -13.95 -13.85 -11.91
C VAL C 284 -12.88 -13.81 -10.82
N PHE C 285 -12.26 -14.96 -10.55
CA PHE C 285 -11.19 -15.07 -9.57
C PHE C 285 -9.92 -15.55 -10.28
N GLU C 286 -8.81 -14.84 -10.02
CA GLU C 286 -7.53 -15.11 -10.65
C GLU C 286 -6.41 -14.66 -9.73
N TRP C 287 -5.26 -15.32 -9.84
CA TRP C 287 -4.04 -14.89 -9.16
C TRP C 287 -3.39 -13.77 -9.95
N LYS C 288 -2.96 -12.72 -9.24
CA LYS C 288 -2.35 -11.57 -9.90
C LYS C 288 -0.97 -11.92 -10.45
N ASP C 289 -0.14 -12.56 -9.63
CA ASP C 289 1.23 -12.87 -10.00
C ASP C 289 1.71 -14.03 -9.13
N PRO C 290 2.79 -14.71 -9.53
CA PRO C 290 3.34 -15.79 -8.71
C PRO C 290 4.21 -15.33 -7.56
N PHE C 291 4.14 -14.06 -7.17
CA PHE C 291 4.98 -13.52 -6.11
C PHE C 291 4.19 -13.40 -4.81
N ILE C 292 4.68 -14.02 -3.76
CA ILE C 292 4.14 -13.90 -2.42
C ILE C 292 5.02 -12.92 -1.64
N GLN C 293 4.39 -11.97 -0.95
CA GLN C 293 5.13 -10.91 -0.28
C GLN C 293 5.31 -11.25 1.19
N LYS C 294 6.56 -11.31 1.64
CA LYS C 294 6.90 -11.66 3.01
C LYS C 294 7.38 -10.43 3.76
N VAL C 295 6.85 -10.22 4.96
CA VAL C 295 7.19 -9.08 5.80
C VAL C 295 7.67 -9.60 7.15
N GLN C 296 8.78 -9.05 7.63
CA GLN C 296 9.35 -9.45 8.91
C GLN C 296 9.74 -8.21 9.70
N ASP C 297 9.78 -8.35 11.02
CA ASP C 297 10.20 -7.29 11.92
C ASP C 297 11.57 -7.64 12.50
N ILE C 298 12.55 -6.79 12.27
CA ILE C 298 13.93 -7.02 12.69
C ILE C 298 14.24 -6.08 13.85
N ILE C 299 14.74 -6.65 14.94
CA ILE C 299 15.18 -5.88 16.10
C ILE C 299 16.67 -5.63 15.96
N THR C 300 17.07 -4.36 15.96
CA THR C 300 18.45 -3.97 15.74
C THR C 300 19.22 -3.74 17.03
N ALA C 301 18.64 -4.10 18.18
CA ALA C 301 19.27 -3.94 19.48
C ALA C 301 19.82 -5.30 19.92
N ASN C 302 21.14 -5.46 19.82
CA ASN C 302 21.80 -6.67 20.25
C ASN C 302 22.51 -6.41 21.58
N PRO C 303 22.04 -6.99 22.69
CA PRO C 303 22.68 -6.70 23.98
C PRO C 303 24.16 -7.01 24.03
N TRP C 304 24.58 -8.10 23.39
CA TRP C 304 25.99 -8.51 23.46
C TRP C 304 26.88 -7.64 22.59
N ASN C 305 26.38 -7.15 21.46
CA ASN C 305 27.15 -6.19 20.68
C ASN C 305 27.36 -4.90 21.44
N THR C 306 26.34 -4.45 22.18
CA THR C 306 26.47 -3.25 22.99
C THR C 306 27.51 -3.44 24.10
N ILE C 307 27.52 -4.63 24.72
CA ILE C 307 28.47 -4.92 25.78
C ILE C 307 29.90 -4.87 25.24
N ALA C 308 30.12 -5.49 24.09
CA ALA C 308 31.44 -5.45 23.46
C ALA C 308 31.80 -4.03 23.03
N LEU C 309 30.82 -3.28 22.53
CA LEU C 309 31.07 -1.88 22.18
C LEU C 309 31.43 -1.06 23.41
N LEU C 310 30.70 -1.26 24.51
CA LEU C 310 31.03 -0.56 25.75
C LEU C 310 32.39 -0.98 26.29
N CYS C 311 32.72 -2.27 26.19
CA CYS C 311 34.00 -2.75 26.68
C CYS C 311 35.17 -2.09 25.94
N GLY C 312 35.06 -1.96 24.62
CA GLY C 312 36.14 -1.36 23.85
C GLY C 312 36.35 0.11 24.16
N ALA C 313 35.27 0.84 24.46
CA ALA C 313 35.39 2.26 24.77
C ALA C 313 36.18 2.49 26.05
N PHE C 314 35.99 1.64 27.05
CA PHE C 314 36.70 1.79 28.32
C PHE C 314 38.21 1.64 28.13
N LEU C 315 38.63 0.76 27.22
CA LEU C 315 40.06 0.51 27.03
C LEU C 315 40.78 1.76 26.54
N ALA C 316 40.17 2.51 25.61
CA ALA C 316 40.81 3.71 25.09
C ALA C 316 41.04 4.75 26.17
N LEU C 317 40.06 4.92 27.06
CA LEU C 317 40.21 5.87 28.15
C LEU C 317 41.32 5.46 29.10
N PHE C 318 41.40 4.16 29.41
CA PHE C 318 42.48 3.67 30.27
C PHE C 318 43.82 3.75 29.56
N LYS C 319 43.87 3.39 28.28
CA LYS C 319 45.13 3.44 27.54
C LYS C 319 45.63 4.88 27.38
N ALA C 320 44.72 5.82 27.12
CA ALA C 320 45.11 7.21 26.97
C ALA C 320 45.63 7.78 28.28
N ALA C 321 45.18 7.25 29.42
CA ALA C 321 45.67 7.74 30.70
C ALA C 321 47.16 7.50 30.87
N GLU C 322 47.64 6.32 30.47
CA GLU C 322 49.07 6.05 30.52
C GLU C 322 49.85 6.97 29.58
N PHE C 323 49.32 7.20 28.38
CA PHE C 323 49.95 8.15 27.47
C PHE C 323 49.89 9.56 28.04
N ALA C 324 48.77 9.93 28.68
CA ALA C 324 48.70 11.21 29.36
C ALA C 324 49.64 11.27 30.55
N LYS C 325 49.81 10.14 31.25
CA LYS C 325 50.75 10.10 32.37
C LYS C 325 52.17 10.32 31.89
N LEU C 326 52.55 9.73 30.75
CA LEU C 326 53.87 9.96 30.19
C LEU C 326 54.06 11.41 29.78
N SER C 327 53.01 12.02 29.22
CA SER C 327 53.10 13.43 28.85
C SER C 327 53.30 14.31 30.08
N VAL C 328 52.62 13.99 31.18
CA VAL C 328 52.82 14.73 32.42
C VAL C 328 54.24 14.56 32.93
N LYS C 329 54.75 13.33 32.90
CA LYS C 329 56.11 13.06 33.35
C LYS C 329 57.13 13.55 32.33
C1 NAG D . -23.18 30.65 2.34
C2 NAG D . -24.02 31.89 2.65
C3 NAG D . -24.94 32.23 1.46
C4 NAG D . -25.72 31.00 0.99
C5 NAG D . -24.82 29.79 0.87
C6 NAG D . -24.92 29.11 -0.47
C7 NAG D . -24.34 32.04 5.07
C8 NAG D . -25.28 31.78 6.22
N2 NAG D . -24.79 31.70 3.86
O3 NAG D . -24.16 32.75 0.39
O4 NAG D . -26.77 30.72 1.92
O5 NAG D . -23.45 30.20 1.03
O6 NAG D . -24.03 29.69 -1.42
O7 NAG D . -23.24 32.53 5.24
C1 NAG E . -0.98 -1.91 -38.60
C2 NAG E . -0.50 -0.88 -39.62
C3 NAG E . -1.67 -0.27 -40.37
C4 NAG E . -2.54 -1.37 -40.98
C5 NAG E . -2.95 -2.37 -39.91
C6 NAG E . -3.71 -3.56 -40.45
C7 NAG E . 1.60 0.08 -38.79
C8 NAG E . 2.25 1.25 -38.10
N2 NAG E . 0.28 0.16 -38.97
O3 NAG E . -1.19 0.58 -41.40
O4 NAG E . -3.70 -0.81 -41.57
O5 NAG E . -1.78 -2.90 -39.26
O6 NAG E . -5.11 -3.33 -40.43
O7 NAG E . 2.25 -0.89 -39.16
C1 NAG F . -27.91 -25.77 5.80
C2 NAG F . -28.87 -26.94 6.04
C3 NAG F . -30.32 -26.50 5.81
C4 NAG F . -30.48 -25.77 4.49
C5 NAG F . -29.40 -24.71 4.32
C6 NAG F . -29.97 -23.32 4.03
C7 NAG F . -27.64 -29.01 5.54
C8 NAG F . -27.43 -30.10 4.55
N2 NAG F . -28.54 -28.07 5.20
O3 NAG F . -30.75 -25.68 6.88
O4 NAG F . -30.43 -26.68 3.40
O5 NAG F . -28.64 -24.59 5.52
O6 NAG F . -30.23 -22.61 5.23
O7 NAG F . -27.04 -28.96 6.60
#